data_1ASO
#
_entry.id   1ASO
#
_cell.length_a   106.090
_cell.length_b   105.210
_cell.length_c   112.660
_cell.angle_alpha   90.00
_cell.angle_beta   90.00
_cell.angle_gamma   90.00
#
_symmetry.space_group_name_H-M   'P 21 21 2'
#
loop_
_entity.id
_entity.type
_entity.pdbx_description
1 polymer 'ASCORBATE OXIDASE'
2 non-polymer 2-acetamido-2-deoxy-beta-D-glucopyranose
3 non-polymer 'COPPER (II) ION'
4 non-polymer 'HYDROXIDE ION'
5 water water
#
_entity_poly.entity_id   1
_entity_poly.type   'polypeptide(L)'
_entity_poly.pdbx_seq_one_letter_code
;SQIRHYKWEVEYMFWAPNCNENIVMGINGQFPGPTIRANAGDSVVVELTNKLHTEGVVIHWHGILQRGTPWADGTASISQ
CAINPGETFFYNFTVDNPGTFFYHGHLGMQRSAGLYGSLIVDPPQGKKEPFHYDGEINLLLSDWWHQSIHKQEVGLSSKP
IRWIGEPQTILLNGRGQFDCSIAAKYDSNLEPCKLKGSESCAPYIFHVSPKKTYRIRIASTTALAALNFAIGNHQLLVVE
ADGNYVQPFYTSDIDIYSGESYSVLITTDQNPSENYWVSVGTRARHPNTPPGLTLLNYLPNSVSKLPTSPPPQTPAWDDF
DRSKNFTYRITAAMGSPKPPVKFNRRIFLLNTQNVINGYVKWAINDVSLALPPTPYLGAMKYNLLHAFDQNPPPEVFPED
YDIDTPPTNEKTRIGNGVYQFKIGEVVDVILQNANMMKENLSETHPWHLHGHDFWVLGYGDGKFSAEEESSLNLKNPPLR
NTVVIFPYGWTAIRFVADNPGVWAFHCHIEPHLHMGMGVVFAEGVEKVGRIPTKALACGGTAKSLINNPKNP
;
_entity_poly.pdbx_strand_id   A,B
#
loop_
_chem_comp.id
_chem_comp.type
_chem_comp.name
_chem_comp.formula
CU non-polymer 'COPPER (II) ION' 'Cu 2'
NAG D-saccharide, beta linking 2-acetamido-2-deoxy-beta-D-glucopyranose 'C8 H15 N O6'
OH non-polymer 'HYDROXIDE ION' 'H O -1'
#
# COMPACT_ATOMS: atom_id res chain seq x y z
N SER A 1 -32.57 -36.28 19.52
CA SER A 1 -32.40 -34.89 19.18
C SER A 1 -32.47 -34.28 20.56
N GLN A 2 -31.60 -33.32 20.80
CA GLN A 2 -31.50 -32.64 22.07
C GLN A 2 -32.03 -31.24 21.79
N ILE A 3 -32.33 -30.53 22.87
CA ILE A 3 -32.58 -29.12 22.76
C ILE A 3 -31.34 -28.48 23.34
N ARG A 4 -30.73 -27.59 22.56
CA ARG A 4 -29.49 -26.92 22.97
C ARG A 4 -29.89 -25.54 23.45
N HIS A 5 -29.82 -25.22 24.70
CA HIS A 5 -30.28 -23.95 25.16
C HIS A 5 -29.13 -23.02 25.50
N TYR A 6 -29.19 -21.78 25.02
CA TYR A 6 -28.15 -20.78 25.29
C TYR A 6 -28.80 -19.57 25.95
N LYS A 7 -28.07 -18.91 26.83
CA LYS A 7 -28.62 -17.77 27.51
C LYS A 7 -27.48 -16.77 27.40
N TRP A 8 -27.74 -15.68 26.68
CA TRP A 8 -26.71 -14.76 26.27
C TRP A 8 -27.14 -13.33 26.50
N GLU A 9 -26.18 -12.45 26.78
CA GLU A 9 -26.38 -11.00 26.89
C GLU A 9 -25.46 -10.24 25.93
N VAL A 10 -25.95 -9.31 25.11
CA VAL A 10 -25.08 -8.53 24.26
C VAL A 10 -24.83 -7.22 25.00
N GLU A 11 -23.56 -6.87 25.11
CA GLU A 11 -23.12 -5.69 25.81
C GLU A 11 -21.79 -5.24 25.18
N TYR A 12 -21.49 -3.95 25.09
CA TYR A 12 -20.17 -3.51 24.68
C TYR A 12 -19.19 -3.64 25.82
N MET A 13 -17.90 -3.70 25.47
CA MET A 13 -16.83 -3.88 26.44
C MET A 13 -15.52 -3.38 25.86
N PHE A 14 -14.58 -2.94 26.69
CA PHE A 14 -13.25 -2.60 26.21
C PHE A 14 -12.55 -3.89 25.86
N TRP A 15 -11.83 -3.95 24.76
CA TRP A 15 -11.11 -5.13 24.35
C TRP A 15 -10.03 -4.70 23.37
N ALA A 16 -8.96 -5.47 23.20
CA ALA A 16 -7.90 -5.14 22.29
C ALA A 16 -7.54 -6.31 21.38
N PRO A 17 -8.28 -6.49 20.28
CA PRO A 17 -8.13 -7.63 19.33
C PRO A 17 -6.72 -7.73 18.76
N ASN A 18 -6.11 -6.56 18.54
CA ASN A 18 -4.75 -6.40 18.07
C ASN A 18 -3.84 -5.64 19.03
N CYS A 19 -4.18 -5.82 20.32
CA CYS A 19 -3.50 -5.17 21.45
C CYS A 19 -3.52 -3.65 21.46
N ASN A 20 -4.51 -3.09 20.80
CA ASN A 20 -4.76 -1.66 20.78
C ASN A 20 -6.17 -1.67 21.30
N GLU A 21 -6.45 -0.95 22.39
CA GLU A 21 -7.76 -1.00 23.03
C GLU A 21 -8.84 -0.24 22.30
N ASN A 22 -10.02 -0.82 22.17
CA ASN A 22 -11.14 -0.16 21.50
C ASN A 22 -12.39 -0.70 22.17
N ILE A 23 -13.62 -0.51 21.70
CA ILE A 23 -14.71 -1.22 22.32
C ILE A 23 -15.18 -2.25 21.30
N VAL A 24 -15.61 -3.41 21.77
CA VAL A 24 -16.02 -4.52 20.93
C VAL A 24 -17.43 -4.91 21.37
N MET A 25 -18.28 -5.57 20.58
CA MET A 25 -19.58 -6.01 21.05
C MET A 25 -19.36 -7.45 21.51
N GLY A 26 -19.48 -7.72 22.82
CA GLY A 26 -19.27 -9.04 23.37
C GLY A 26 -20.60 -9.70 23.73
N ILE A 27 -20.55 -11.03 23.84
CA ILE A 27 -21.69 -11.81 24.29
C ILE A 27 -21.21 -12.53 25.53
N ASN A 28 -21.89 -12.30 26.67
CA ASN A 28 -21.47 -12.88 27.94
C ASN A 28 -20.01 -12.58 28.24
N GLY A 29 -19.53 -11.37 27.92
CA GLY A 29 -18.15 -10.96 28.17
C GLY A 29 -17.14 -11.57 27.20
N GLN A 30 -17.54 -12.28 26.16
CA GLN A 30 -16.60 -12.93 25.25
C GLN A 30 -16.52 -12.20 23.93
N PHE A 31 -15.33 -12.15 23.35
CA PHE A 31 -15.13 -11.70 21.98
C PHE A 31 -14.13 -12.67 21.37
N PRO A 32 -14.41 -13.37 20.24
CA PRO A 32 -15.73 -13.53 19.61
C PRO A 32 -16.75 -14.21 20.51
N GLY A 33 -18.01 -14.28 20.05
CA GLY A 33 -19.06 -14.88 20.82
C GLY A 33 -18.82 -16.36 21.13
N PRO A 34 -19.65 -16.98 22.00
CA PRO A 34 -19.64 -18.40 22.28
C PRO A 34 -19.98 -19.25 21.06
N THR A 35 -19.38 -20.44 20.92
CA THR A 35 -19.73 -21.34 19.84
C THR A 35 -21.00 -22.10 20.18
N ILE A 36 -21.91 -22.16 19.20
CA ILE A 36 -23.06 -23.03 19.30
C ILE A 36 -22.62 -24.30 18.57
N ARG A 37 -22.79 -25.50 19.13
CA ARG A 37 -22.57 -26.73 18.43
C ARG A 37 -23.82 -27.57 18.65
N ALA A 38 -24.25 -28.29 17.61
CA ALA A 38 -25.44 -29.10 17.78
C ALA A 38 -25.30 -30.21 16.78
N ASN A 39 -26.25 -31.16 16.77
CA ASN A 39 -26.24 -32.28 15.83
C ASN A 39 -27.43 -32.01 14.95
N ALA A 40 -27.42 -32.38 13.68
CA ALA A 40 -28.57 -32.15 12.83
C ALA A 40 -29.77 -32.90 13.37
N GLY A 41 -30.83 -32.12 13.33
CA GLY A 41 -32.12 -32.49 13.84
C GLY A 41 -32.39 -31.87 15.21
N ASP A 42 -31.39 -31.26 15.89
CA ASP A 42 -31.60 -30.66 17.20
C ASP A 42 -32.29 -29.30 17.12
N SER A 43 -32.94 -28.91 18.21
CA SER A 43 -33.52 -27.60 18.33
C SER A 43 -32.49 -26.77 19.05
N VAL A 44 -32.36 -25.48 18.72
CA VAL A 44 -31.46 -24.57 19.38
C VAL A 44 -32.40 -23.48 19.88
N VAL A 45 -32.26 -23.09 21.15
CA VAL A 45 -33.06 -22.06 21.79
C VAL A 45 -32.02 -21.08 22.30
N VAL A 46 -32.01 -19.84 21.82
CA VAL A 46 -31.10 -18.82 22.31
C VAL A 46 -32.03 -17.78 22.95
N GLU A 47 -31.91 -17.50 24.25
CA GLU A 47 -32.63 -16.35 24.80
C GLU A 47 -31.54 -15.32 24.97
N LEU A 48 -31.78 -14.22 24.27
CA LEU A 48 -30.82 -13.14 24.14
C LEU A 48 -31.41 -11.96 24.83
N THR A 49 -30.67 -11.46 25.81
CA THR A 49 -31.05 -10.23 26.47
C THR A 49 -30.17 -9.13 25.89
N ASN A 50 -30.82 -8.02 25.52
CA ASN A 50 -30.12 -6.87 24.98
C ASN A 50 -29.67 -5.94 26.10
N LYS A 51 -28.35 -5.83 26.34
CA LYS A 51 -27.85 -4.88 27.33
C LYS A 51 -27.00 -3.81 26.69
N LEU A 52 -27.39 -3.37 25.50
CA LEU A 52 -26.75 -2.19 24.94
C LEU A 52 -27.60 -1.07 25.57
N HIS A 53 -27.08 0.12 25.68
CA HIS A 53 -27.83 1.11 26.42
C HIS A 53 -28.93 1.78 25.59
N THR A 54 -28.63 2.13 24.33
CA THR A 54 -29.60 2.83 23.47
C THR A 54 -29.93 2.16 22.14
N GLU A 55 -29.20 1.09 21.82
CA GLU A 55 -29.31 0.43 20.54
C GLU A 55 -30.13 -0.83 20.54
N GLY A 56 -30.85 -1.04 19.43
CA GLY A 56 -31.53 -2.31 19.22
C GLY A 56 -30.49 -3.33 18.75
N VAL A 57 -30.79 -4.62 18.70
CA VAL A 57 -29.82 -5.61 18.23
C VAL A 57 -30.62 -6.76 17.66
N VAL A 58 -30.05 -7.55 16.75
CA VAL A 58 -30.63 -8.77 16.21
C VAL A 58 -29.43 -9.68 15.97
N ILE A 59 -29.59 -11.00 15.85
CA ILE A 59 -28.49 -11.88 15.46
C ILE A 59 -29.06 -12.75 14.35
N HIS A 60 -28.37 -12.78 13.21
CA HIS A 60 -28.71 -13.61 12.08
C HIS A 60 -27.86 -14.86 12.17
N TRP A 61 -28.44 -16.06 11.93
CA TRP A 61 -27.71 -17.32 11.93
C TRP A 61 -27.45 -17.66 10.44
N HIS A 62 -26.24 -17.34 9.98
CA HIS A 62 -25.93 -17.50 8.57
C HIS A 62 -25.90 -18.94 8.12
N GLY A 63 -26.75 -19.28 7.16
CA GLY A 63 -26.77 -20.61 6.57
C GLY A 63 -27.88 -21.47 7.12
N ILE A 64 -28.56 -21.06 8.20
CA ILE A 64 -29.62 -21.87 8.76
C ILE A 64 -30.85 -21.38 8.01
N LEU A 65 -31.66 -22.33 7.56
CA LEU A 65 -32.75 -22.04 6.66
C LEU A 65 -34.01 -21.47 7.25
N GLN A 66 -34.24 -21.63 8.57
CA GLN A 66 -35.40 -21.07 9.29
C GLN A 66 -36.76 -21.52 8.78
N ARG A 67 -36.74 -22.72 8.23
CA ARG A 67 -37.89 -23.44 7.73
C ARG A 67 -38.96 -23.59 8.81
N GLY A 68 -40.11 -22.94 8.71
CA GLY A 68 -41.10 -23.00 9.76
C GLY A 68 -40.86 -21.91 10.78
N THR A 69 -39.67 -21.31 10.89
CA THR A 69 -39.44 -20.23 11.83
C THR A 69 -38.87 -18.98 11.14
N PRO A 70 -39.46 -18.35 10.10
CA PRO A 70 -38.88 -17.18 9.41
C PRO A 70 -38.73 -15.94 10.29
N TRP A 71 -39.51 -15.85 11.37
CA TRP A 71 -39.39 -14.83 12.39
C TRP A 71 -38.06 -14.93 13.12
N ALA A 72 -37.33 -16.04 13.03
CA ALA A 72 -36.09 -16.23 13.76
C ALA A 72 -34.87 -16.01 12.91
N ASP A 73 -35.06 -15.45 11.72
CA ASP A 73 -33.92 -15.25 10.85
C ASP A 73 -33.00 -14.16 11.38
N GLY A 74 -33.41 -13.22 12.19
CA GLY A 74 -32.53 -12.18 12.71
C GLY A 74 -32.16 -11.06 11.76
N THR A 75 -33.10 -10.60 10.92
CA THR A 75 -32.84 -9.49 10.01
C THR A 75 -33.78 -8.34 10.37
N ALA A 76 -33.24 -7.26 10.92
CA ALA A 76 -34.00 -6.10 11.30
C ALA A 76 -34.72 -5.54 10.08
N SER A 77 -36.00 -5.21 10.28
CA SER A 77 -36.91 -4.70 9.26
C SER A 77 -37.30 -5.70 8.19
N ILE A 78 -36.85 -6.95 8.24
CA ILE A 78 -37.34 -7.91 7.29
C ILE A 78 -38.04 -9.00 8.09
N SER A 79 -37.38 -9.82 8.92
CA SER A 79 -38.10 -10.81 9.73
C SER A 79 -38.63 -10.25 11.05
N GLN A 80 -37.98 -9.26 11.64
CA GLN A 80 -38.46 -8.76 12.92
C GLN A 80 -38.15 -7.30 13.17
N CYS A 81 -38.90 -6.76 14.14
CA CYS A 81 -38.58 -5.51 14.81
C CYS A 81 -37.33 -5.84 15.62
N ALA A 82 -36.34 -4.95 15.72
CA ALA A 82 -35.14 -5.20 16.52
C ALA A 82 -35.52 -5.34 17.97
N ILE A 83 -34.64 -5.91 18.79
CA ILE A 83 -34.91 -6.11 20.21
C ILE A 83 -34.43 -4.85 20.90
N ASN A 84 -35.29 -4.30 21.75
CA ASN A 84 -34.99 -3.07 22.46
C ASN A 84 -34.07 -3.27 23.65
N PRO A 85 -33.26 -2.31 24.09
CA PRO A 85 -32.47 -2.41 25.33
C PRO A 85 -33.27 -2.85 26.55
N GLY A 86 -32.65 -3.77 27.31
CA GLY A 86 -33.27 -4.37 28.46
C GLY A 86 -34.25 -5.48 28.13
N GLU A 87 -34.56 -5.83 26.86
CA GLU A 87 -35.53 -6.90 26.55
C GLU A 87 -34.87 -8.21 26.18
N THR A 88 -35.64 -9.30 26.35
CA THR A 88 -35.19 -10.66 26.08
C THR A 88 -36.04 -11.25 24.94
N PHE A 89 -35.40 -11.82 23.94
CA PHE A 89 -36.10 -12.43 22.83
C PHE A 89 -35.55 -13.84 22.73
N PHE A 90 -36.42 -14.75 22.32
CA PHE A 90 -36.13 -16.15 22.13
C PHE A 90 -36.04 -16.46 20.66
N TYR A 91 -34.90 -16.87 20.14
CA TYR A 91 -34.78 -17.33 18.77
C TYR A 91 -34.91 -18.85 18.88
N ASN A 92 -35.90 -19.54 18.33
CA ASN A 92 -35.95 -21.00 18.50
C ASN A 92 -36.05 -21.58 17.10
N PHE A 93 -35.08 -22.38 16.71
CA PHE A 93 -35.05 -22.91 15.37
C PHE A 93 -34.45 -24.29 15.39
N THR A 94 -34.53 -25.03 14.28
CA THR A 94 -33.94 -26.34 14.16
C THR A 94 -32.71 -26.29 13.24
N VAL A 95 -31.67 -27.10 13.52
CA VAL A 95 -30.53 -27.20 12.61
C VAL A 95 -30.79 -28.50 11.87
N ASP A 96 -30.81 -28.47 10.53
CA ASP A 96 -31.23 -29.60 9.72
C ASP A 96 -30.10 -30.43 9.14
N ASN A 97 -29.02 -29.76 8.78
CA ASN A 97 -27.94 -30.44 8.12
C ASN A 97 -26.62 -30.00 8.69
N PRO A 98 -25.65 -30.92 8.68
CA PRO A 98 -24.30 -30.64 9.15
C PRO A 98 -23.50 -29.64 8.32
N GLY A 99 -22.64 -28.84 8.95
CA GLY A 99 -21.85 -27.86 8.24
C GLY A 99 -21.21 -26.87 9.19
N THR A 100 -20.31 -26.08 8.60
CA THR A 100 -19.64 -24.97 9.26
C THR A 100 -20.48 -23.73 8.99
N PHE A 101 -21.13 -23.18 10.01
CA PHE A 101 -21.94 -21.98 9.85
C PHE A 101 -21.42 -20.96 10.89
N PHE A 102 -22.07 -19.82 11.07
CA PHE A 102 -21.63 -18.81 12.03
C PHE A 102 -22.81 -17.86 12.25
N TYR A 103 -22.72 -16.90 13.16
CA TYR A 103 -23.80 -15.97 13.39
C TYR A 103 -23.25 -14.57 13.43
N HIS A 104 -24.03 -13.53 13.17
CA HIS A 104 -23.53 -12.16 13.19
C HIS A 104 -24.63 -11.13 13.35
N GLY A 105 -24.26 -9.91 13.73
CA GLY A 105 -25.20 -8.81 13.80
C GLY A 105 -25.77 -8.50 12.42
N HIS A 106 -27.05 -8.14 12.30
CA HIS A 106 -27.66 -7.79 11.04
C HIS A 106 -28.51 -6.52 11.21
N LEU A 107 -27.93 -5.54 11.91
CA LEU A 107 -28.55 -4.23 12.12
C LEU A 107 -27.42 -3.25 12.15
N GLY A 108 -27.50 -2.28 11.24
CA GLY A 108 -26.47 -1.27 11.05
C GLY A 108 -25.16 -1.96 10.69
N MET A 109 -24.09 -1.45 11.28
CA MET A 109 -22.77 -2.01 11.13
C MET A 109 -22.39 -2.74 12.40
N GLN A 110 -23.33 -3.40 13.11
CA GLN A 110 -23.01 -4.11 14.33
C GLN A 110 -22.05 -5.28 14.15
N ARG A 111 -22.02 -6.04 13.03
CA ARG A 111 -21.09 -7.14 12.93
C ARG A 111 -19.65 -6.64 12.79
N SER A 112 -19.34 -5.51 12.15
CA SER A 112 -17.98 -4.96 12.14
C SER A 112 -17.46 -4.58 13.54
N ALA A 113 -18.39 -4.27 14.45
CA ALA A 113 -18.06 -4.03 15.84
C ALA A 113 -17.76 -5.31 16.61
N GLY A 114 -17.86 -6.51 16.02
CA GLY A 114 -17.48 -7.71 16.75
C GLY A 114 -18.66 -8.62 17.04
N LEU A 115 -19.91 -8.36 16.66
CA LEU A 115 -20.94 -9.31 17.00
C LEU A 115 -20.98 -10.44 15.99
N TYR A 116 -20.24 -11.51 16.28
CA TYR A 116 -20.20 -12.72 15.45
C TYR A 116 -19.59 -13.89 16.23
N GLY A 117 -19.72 -15.13 15.77
CA GLY A 117 -19.18 -16.30 16.43
C GLY A 117 -19.51 -17.54 15.61
N SER A 118 -19.14 -18.77 16.01
CA SER A 118 -19.39 -19.98 15.22
C SER A 118 -20.61 -20.72 15.70
N LEU A 119 -21.19 -21.42 14.73
CA LEU A 119 -22.37 -22.24 14.94
C LEU A 119 -21.98 -23.47 14.12
N ILE A 120 -21.66 -24.61 14.72
CA ILE A 120 -21.27 -25.79 13.95
C ILE A 120 -22.30 -26.86 14.17
N VAL A 121 -22.57 -27.65 13.15
CA VAL A 121 -23.60 -28.65 13.24
C VAL A 121 -22.95 -29.96 12.80
N ASP A 122 -23.01 -30.97 13.66
CA ASP A 122 -22.42 -32.26 13.33
C ASP A 122 -23.47 -33.13 12.71
N PRO A 123 -23.16 -34.30 12.16
CA PRO A 123 -24.15 -35.27 11.72
C PRO A 123 -25.16 -35.65 12.79
N PRO A 124 -26.31 -36.23 12.43
CA PRO A 124 -27.20 -36.86 13.38
C PRO A 124 -26.43 -37.83 14.25
N GLN A 125 -26.89 -37.94 15.48
CA GLN A 125 -26.29 -38.81 16.47
C GLN A 125 -26.25 -40.25 15.93
N GLY A 126 -25.06 -40.84 15.92
CA GLY A 126 -24.90 -42.20 15.45
C GLY A 126 -24.35 -42.19 14.05
N LYS A 127 -24.69 -41.18 13.27
CA LYS A 127 -24.20 -41.08 11.91
C LYS A 127 -22.82 -40.43 11.90
N LYS A 128 -22.05 -40.63 10.85
CA LYS A 128 -20.73 -40.08 10.78
C LYS A 128 -20.57 -39.33 9.47
N GLU A 129 -19.43 -38.66 9.42
CA GLU A 129 -19.02 -37.87 8.28
C GLU A 129 -18.68 -38.78 7.11
N PRO A 130 -18.83 -38.39 5.86
CA PRO A 130 -18.24 -39.09 4.74
C PRO A 130 -16.72 -39.13 4.71
N PHE A 131 -15.97 -38.45 5.58
CA PHE A 131 -14.51 -38.45 5.51
C PHE A 131 -13.97 -38.58 6.92
N HIS A 132 -12.82 -39.23 7.09
CA HIS A 132 -12.24 -39.44 8.39
C HIS A 132 -11.17 -38.39 8.70
N TYR A 133 -11.16 -37.94 9.95
CA TYR A 133 -10.11 -37.06 10.42
C TYR A 133 -9.98 -37.36 11.91
N ASP A 134 -8.85 -37.02 12.50
CA ASP A 134 -8.55 -37.27 13.88
C ASP A 134 -8.89 -36.08 14.74
N GLY A 135 -8.81 -34.87 14.20
CA GLY A 135 -9.04 -33.70 15.02
C GLY A 135 -9.58 -32.62 14.15
N GLU A 136 -10.03 -31.60 14.83
CA GLU A 136 -10.66 -30.49 14.17
C GLU A 136 -10.04 -29.20 14.66
N ILE A 137 -9.91 -28.21 13.78
CA ILE A 137 -9.44 -26.89 14.15
C ILE A 137 -10.51 -25.99 13.58
N ASN A 138 -11.05 -25.06 14.38
CA ASN A 138 -12.07 -24.15 13.90
C ASN A 138 -11.51 -22.74 13.74
N LEU A 139 -11.80 -22.04 12.64
CA LEU A 139 -11.26 -20.72 12.40
C LEU A 139 -12.30 -19.78 11.80
N LEU A 140 -12.57 -18.70 12.52
CA LEU A 140 -13.45 -17.64 12.06
C LEU A 140 -12.57 -16.47 11.65
N LEU A 141 -12.72 -15.97 10.42
CA LEU A 141 -11.91 -14.85 9.93
C LEU A 141 -12.72 -13.57 9.92
N SER A 142 -12.15 -12.43 10.25
CA SER A 142 -12.85 -11.17 10.22
C SER A 142 -11.82 -10.06 10.00
N ASP A 143 -12.19 -8.79 9.90
CA ASP A 143 -11.21 -7.72 9.71
C ASP A 143 -11.51 -6.66 10.73
N TRP A 144 -10.57 -5.79 11.03
CA TRP A 144 -10.75 -4.86 12.12
C TRP A 144 -10.32 -3.47 11.75
N TRP A 145 -11.10 -2.48 12.12
CA TRP A 145 -10.71 -1.10 11.91
C TRP A 145 -10.43 -0.43 13.24
N HIS A 146 -9.57 0.58 13.32
CA HIS A 146 -9.36 1.26 14.60
C HIS A 146 -10.39 2.38 14.75
N GLN A 147 -11.09 2.76 13.67
CA GLN A 147 -12.06 3.85 13.74
C GLN A 147 -13.36 3.32 14.31
N SER A 148 -14.10 4.17 15.02
CA SER A 148 -15.37 3.78 15.58
C SER A 148 -16.39 3.36 14.53
N ILE A 149 -17.26 2.39 14.82
CA ILE A 149 -18.27 1.97 13.88
C ILE A 149 -19.32 3.06 13.74
N HIS A 150 -19.51 3.90 14.75
CA HIS A 150 -20.48 4.96 14.62
C HIS A 150 -19.87 6.08 13.76
N LYS A 151 -18.55 6.30 13.71
CA LYS A 151 -17.98 7.28 12.81
C LYS A 151 -17.95 6.75 11.39
N GLN A 152 -17.61 5.45 11.22
CA GLN A 152 -17.71 4.79 9.93
C GLN A 152 -19.12 4.88 9.30
N GLU A 153 -20.16 4.56 10.08
CA GLU A 153 -21.55 4.64 9.63
C GLU A 153 -21.94 6.02 9.14
N VAL A 154 -21.63 7.06 9.91
CA VAL A 154 -21.91 8.44 9.54
C VAL A 154 -21.10 8.81 8.30
N GLY A 155 -19.80 8.51 8.26
CA GLY A 155 -18.99 8.82 7.07
C GLY A 155 -19.55 8.22 5.78
N LEU A 156 -20.08 7.01 5.84
CA LEU A 156 -20.73 6.36 4.70
C LEU A 156 -22.10 6.94 4.37
N SER A 157 -22.68 7.79 5.21
CA SER A 157 -23.97 8.38 4.90
C SER A 157 -23.85 9.89 4.66
N SER A 158 -22.65 10.41 4.43
CA SER A 158 -22.40 11.81 4.23
C SER A 158 -22.20 12.18 2.78
N LYS A 159 -22.36 13.47 2.42
CA LYS A 159 -21.98 13.98 1.11
C LYS A 159 -20.79 14.88 1.43
N PRO A 160 -19.58 14.87 0.86
CA PRO A 160 -18.99 13.72 0.18
C PRO A 160 -18.87 12.51 1.11
N ILE A 161 -18.98 11.35 0.49
CA ILE A 161 -18.89 10.12 1.26
C ILE A 161 -17.48 10.04 1.80
N ARG A 162 -17.35 9.45 2.99
CA ARG A 162 -16.05 9.17 3.55
C ARG A 162 -15.92 7.65 3.57
N TRP A 163 -15.17 7.07 2.64
CA TRP A 163 -15.01 5.62 2.59
C TRP A 163 -14.26 5.07 3.82
N ILE A 164 -14.65 3.88 4.30
CA ILE A 164 -14.00 3.28 5.47
C ILE A 164 -12.55 2.91 5.24
N GLY A 165 -12.12 2.68 4.01
CA GLY A 165 -10.72 2.40 3.73
C GLY A 165 -10.42 0.97 4.08
N GLU A 166 -9.23 0.49 3.71
CA GLU A 166 -8.81 -0.86 4.02
C GLU A 166 -8.70 -1.10 5.51
N PRO A 167 -8.93 -2.30 6.00
CA PRO A 167 -8.82 -2.60 7.42
C PRO A 167 -7.41 -2.48 7.93
N GLN A 168 -7.33 -2.19 9.21
CA GLN A 168 -6.01 -2.10 9.83
C GLN A 168 -5.50 -3.50 10.11
N THR A 169 -6.34 -4.46 10.50
CA THR A 169 -5.87 -5.78 10.89
C THR A 169 -6.78 -6.89 10.38
N ILE A 170 -6.21 -8.06 10.01
CA ILE A 170 -7.04 -9.24 9.78
C ILE A 170 -7.02 -10.01 11.10
N LEU A 171 -8.18 -10.50 11.51
CA LEU A 171 -8.34 -11.17 12.80
C LEU A 171 -8.48 -12.66 12.62
N LEU A 172 -7.72 -13.56 13.25
CA LEU A 172 -7.94 -15.00 13.07
C LEU A 172 -8.42 -15.45 14.43
N ASN A 173 -9.69 -15.85 14.54
CA ASN A 173 -10.33 -16.22 15.81
C ASN A 173 -10.24 -15.07 16.79
N GLY A 174 -10.46 -13.89 16.24
CA GLY A 174 -10.50 -12.68 17.02
C GLY A 174 -9.18 -12.03 17.34
N ARG A 175 -8.02 -12.55 16.92
CA ARG A 175 -6.74 -12.00 17.29
C ARG A 175 -5.96 -11.58 16.07
N GLY A 176 -5.19 -10.50 16.15
CA GLY A 176 -4.35 -10.06 15.06
C GLY A 176 -3.28 -9.12 15.61
N GLN A 177 -2.33 -8.67 14.80
CA GLN A 177 -1.25 -7.84 15.28
C GLN A 177 -1.16 -6.65 14.33
N PHE A 178 -0.97 -5.50 14.96
CA PHE A 178 -0.89 -4.24 14.29
C PHE A 178 0.49 -3.64 14.49
N ASP A 179 1.08 -3.05 13.45
CA ASP A 179 2.38 -2.39 13.54
C ASP A 179 3.55 -3.25 14.01
N CYS A 180 3.41 -4.57 13.98
CA CYS A 180 4.54 -5.43 14.22
C CYS A 180 4.16 -6.71 13.52
N SER A 181 5.09 -7.63 13.37
CA SER A 181 4.79 -8.86 12.69
C SER A 181 5.45 -9.98 13.47
N ILE A 182 4.75 -11.09 13.69
CA ILE A 182 5.36 -12.25 14.32
C ILE A 182 6.32 -12.95 13.36
N ALA A 183 6.28 -12.56 12.08
CA ALA A 183 7.21 -13.06 11.08
C ALA A 183 8.27 -11.99 10.78
N ALA A 184 8.65 -11.10 11.71
CA ALA A 184 9.64 -10.06 11.42
C ALA A 184 11.07 -10.54 11.19
N LYS A 185 11.41 -11.79 11.51
CA LYS A 185 12.80 -12.21 11.40
C LYS A 185 13.32 -12.36 9.99
N TYR A 186 12.41 -12.41 9.01
CA TYR A 186 12.76 -12.61 7.61
C TYR A 186 12.91 -11.31 6.87
N ASP A 187 12.57 -10.20 7.52
CA ASP A 187 12.68 -8.90 6.89
C ASP A 187 12.88 -7.81 7.94
N SER A 188 14.08 -7.22 7.98
CA SER A 188 14.45 -6.13 8.90
C SER A 188 13.64 -4.85 8.76
N ASN A 189 12.82 -4.71 7.72
CA ASN A 189 11.93 -3.55 7.64
C ASN A 189 10.74 -3.74 8.55
N LEU A 190 10.56 -4.95 9.11
CA LEU A 190 9.42 -5.24 9.96
C LEU A 190 9.83 -5.11 11.42
N GLU A 191 8.88 -4.60 12.18
CA GLU A 191 9.01 -4.47 13.62
C GLU A 191 8.58 -5.75 14.33
N PRO A 192 9.43 -6.34 15.17
CA PRO A 192 9.12 -7.52 15.98
C PRO A 192 8.11 -7.28 17.10
N CYS A 193 7.08 -8.13 17.21
CA CYS A 193 6.13 -7.95 18.30
C CYS A 193 6.76 -8.50 19.57
N LYS A 194 6.61 -7.80 20.68
CA LYS A 194 7.04 -8.38 21.95
C LYS A 194 5.74 -8.99 22.48
N LEU A 195 5.67 -10.30 22.60
CA LEU A 195 4.45 -10.96 23.00
C LEU A 195 4.84 -12.20 23.77
N LYS A 196 4.51 -12.34 25.04
CA LYS A 196 4.78 -13.58 25.76
C LYS A 196 3.79 -14.67 25.38
N GLY A 197 2.71 -14.43 24.62
CA GLY A 197 1.75 -15.48 24.29
C GLY A 197 0.48 -15.39 25.13
N SER A 198 0.46 -14.59 26.18
CA SER A 198 -0.69 -14.47 27.07
C SER A 198 -1.64 -13.34 26.73
N GLU A 199 -1.28 -12.53 25.73
CA GLU A 199 -2.00 -11.31 25.42
C GLU A 199 -3.24 -11.62 24.61
N SER A 200 -4.19 -10.67 24.55
CA SER A 200 -5.43 -10.78 23.80
C SER A 200 -5.18 -10.88 22.30
N CYS A 201 -4.07 -10.31 21.82
CA CYS A 201 -3.75 -10.34 20.41
C CYS A 201 -2.73 -11.38 20.02
N ALA A 202 -2.36 -12.22 20.99
CA ALA A 202 -1.37 -13.25 20.75
C ALA A 202 -2.02 -14.29 19.84
N PRO A 203 -1.37 -14.75 18.76
CA PRO A 203 -1.91 -15.71 17.80
C PRO A 203 -2.58 -16.93 18.41
N TYR A 204 -3.63 -17.43 17.78
CA TYR A 204 -4.31 -18.62 18.22
C TYR A 204 -3.47 -19.70 17.55
N ILE A 205 -2.59 -20.45 18.23
CA ILE A 205 -1.77 -21.44 17.54
C ILE A 205 -2.53 -22.74 17.31
N PHE A 206 -2.37 -23.33 16.12
CA PHE A 206 -3.01 -24.60 15.78
C PHE A 206 -2.00 -25.63 16.24
N HIS A 207 -2.33 -26.54 17.15
CA HIS A 207 -1.41 -27.56 17.60
C HIS A 207 -1.83 -28.85 16.96
N VAL A 208 -0.91 -29.52 16.27
CA VAL A 208 -1.21 -30.80 15.64
C VAL A 208 -0.13 -31.79 16.05
N SER A 209 -0.49 -33.06 16.02
CA SER A 209 0.46 -34.12 16.26
C SER A 209 0.82 -34.65 14.89
N PRO A 210 2.03 -35.13 14.66
CA PRO A 210 2.45 -35.71 13.40
C PRO A 210 1.65 -36.94 12.97
N LYS A 211 1.72 -37.17 11.67
CA LYS A 211 1.07 -38.26 10.95
C LYS A 211 -0.43 -38.42 11.18
N LYS A 212 -1.13 -37.35 11.58
CA LYS A 212 -2.57 -37.37 11.71
C LYS A 212 -3.24 -36.58 10.58
N THR A 213 -4.57 -36.67 10.44
CA THR A 213 -5.33 -35.89 9.47
C THR A 213 -6.28 -34.97 10.22
N TYR A 214 -6.35 -33.67 9.88
CA TYR A 214 -7.15 -32.70 10.61
C TYR A 214 -8.17 -31.99 9.76
N ARG A 215 -9.41 -31.82 10.21
CA ARG A 215 -10.44 -31.06 9.51
C ARG A 215 -10.27 -29.62 9.96
N ILE A 216 -10.01 -28.67 9.05
CA ILE A 216 -9.91 -27.26 9.40
C ILE A 216 -11.13 -26.60 8.79
N ARG A 217 -11.92 -26.06 9.71
CA ARG A 217 -13.16 -25.36 9.39
C ARG A 217 -12.77 -23.89 9.33
N ILE A 218 -13.21 -23.20 8.28
CA ILE A 218 -12.88 -21.81 8.00
C ILE A 218 -14.19 -21.14 7.58
N ALA A 219 -14.57 -20.08 8.25
CA ALA A 219 -15.72 -19.26 7.93
C ALA A 219 -15.26 -17.82 7.85
N SER A 220 -15.88 -16.99 7.01
CA SER A 220 -15.57 -15.58 6.92
C SER A 220 -16.76 -14.67 7.20
N THR A 221 -16.54 -13.75 8.14
CA THR A 221 -17.53 -12.75 8.46
C THR A 221 -16.79 -11.44 8.28
N THR A 222 -15.87 -11.32 7.30
CA THR A 222 -15.23 -10.05 7.08
C THR A 222 -16.31 -9.04 6.70
N ALA A 223 -16.14 -7.76 7.02
CA ALA A 223 -17.03 -6.74 6.53
C ALA A 223 -16.67 -6.30 5.10
N LEU A 224 -15.38 -6.39 4.77
CA LEU A 224 -14.85 -5.97 3.49
C LEU A 224 -13.90 -6.97 2.82
N ALA A 225 -12.81 -7.42 3.46
CA ALA A 225 -11.81 -8.23 2.80
C ALA A 225 -12.14 -9.59 2.20
N ALA A 226 -11.48 -9.83 1.10
CA ALA A 226 -11.48 -11.13 0.45
C ALA A 226 -10.11 -11.64 0.86
N LEU A 227 -10.03 -12.90 1.26
CA LEU A 227 -8.81 -13.43 1.85
C LEU A 227 -8.39 -14.68 1.13
N ASN A 228 -7.11 -15.00 1.22
CA ASN A 228 -6.55 -16.19 0.63
C ASN A 228 -5.89 -16.92 1.78
N PHE A 229 -6.15 -18.21 1.98
CA PHE A 229 -5.66 -19.01 3.11
C PHE A 229 -4.61 -20.00 2.61
N ALA A 230 -3.40 -20.04 3.19
CA ALA A 230 -2.42 -21.06 2.78
C ALA A 230 -1.58 -21.48 3.98
N ILE A 231 -1.20 -22.76 4.15
CA ILE A 231 -0.28 -23.23 5.19
C ILE A 231 0.98 -23.65 4.43
N GLY A 232 2.15 -23.17 4.86
CA GLY A 232 3.44 -23.47 4.24
C GLY A 232 3.69 -24.97 4.26
N ASN A 233 4.08 -25.46 3.07
CA ASN A 233 4.37 -26.87 2.78
C ASN A 233 3.18 -27.82 2.91
N HIS A 234 1.91 -27.41 2.99
CA HIS A 234 0.82 -28.38 3.14
C HIS A 234 -0.31 -28.20 2.14
N GLN A 235 -0.73 -29.32 1.54
CA GLN A 235 -1.84 -29.37 0.59
C GLN A 235 -3.17 -29.34 1.30
N LEU A 236 -4.17 -28.66 0.76
CA LEU A 236 -5.47 -28.63 1.40
C LEU A 236 -6.41 -29.41 0.50
N LEU A 237 -7.26 -30.25 1.06
CA LEU A 237 -8.24 -30.99 0.28
C LEU A 237 -9.61 -30.42 0.63
N VAL A 238 -10.34 -29.85 -0.34
CA VAL A 238 -11.60 -29.20 -0.07
C VAL A 238 -12.64 -30.28 -0.05
N VAL A 239 -13.36 -30.29 1.06
CA VAL A 239 -14.40 -31.29 1.26
C VAL A 239 -15.76 -30.69 1.56
N GLU A 240 -15.88 -29.43 2.03
CA GLU A 240 -17.20 -28.86 2.38
C GLU A 240 -17.13 -27.38 2.01
N ALA A 241 -18.28 -26.82 1.62
CA ALA A 241 -18.43 -25.42 1.31
C ALA A 241 -19.87 -25.09 1.69
N ASP A 242 -20.09 -24.04 2.50
CA ASP A 242 -21.41 -23.55 2.93
C ASP A 242 -22.40 -24.57 3.45
N GLY A 243 -21.84 -25.51 4.19
CA GLY A 243 -22.63 -26.56 4.80
C GLY A 243 -23.08 -27.64 3.82
N ASN A 244 -22.40 -27.80 2.68
CA ASN A 244 -22.72 -28.83 1.69
C ASN A 244 -21.43 -29.42 1.18
N TYR A 245 -21.41 -30.69 0.80
CA TYR A 245 -20.19 -31.39 0.43
C TYR A 245 -19.99 -31.17 -1.06
N VAL A 246 -18.71 -30.96 -1.34
CA VAL A 246 -18.25 -30.69 -2.69
C VAL A 246 -17.42 -31.87 -3.15
N GLN A 247 -17.25 -32.02 -4.47
CA GLN A 247 -16.37 -33.05 -4.96
C GLN A 247 -14.93 -32.68 -4.55
N PRO A 248 -14.21 -33.49 -3.76
CA PRO A 248 -12.88 -33.16 -3.24
C PRO A 248 -11.79 -32.90 -4.26
N PHE A 249 -10.93 -31.93 -3.95
CA PHE A 249 -9.82 -31.57 -4.81
C PHE A 249 -8.74 -30.92 -3.95
N TYR A 250 -7.53 -31.02 -4.36
CA TYR A 250 -6.45 -30.45 -3.63
C TYR A 250 -6.11 -29.11 -4.19
N THR A 251 -5.58 -28.23 -3.37
CA THR A 251 -5.19 -26.91 -3.82
C THR A 251 -4.17 -26.49 -2.77
N SER A 252 -3.31 -25.56 -3.20
CA SER A 252 -2.27 -25.03 -2.37
C SER A 252 -2.69 -23.95 -1.36
N ASP A 253 -3.83 -23.35 -1.65
CA ASP A 253 -4.41 -22.25 -0.91
C ASP A 253 -5.86 -22.14 -1.30
N ILE A 254 -6.74 -21.47 -0.54
CA ILE A 254 -8.11 -21.25 -0.99
C ILE A 254 -8.40 -19.77 -0.94
N ASP A 255 -9.36 -19.31 -1.72
CA ASP A 255 -9.79 -17.93 -1.70
C ASP A 255 -11.10 -18.01 -0.95
N ILE A 256 -11.36 -17.11 -0.02
CA ILE A 256 -12.59 -17.10 0.75
C ILE A 256 -13.07 -15.66 0.87
N TYR A 257 -14.33 -15.48 0.52
CA TYR A 257 -14.99 -14.20 0.45
C TYR A 257 -15.96 -14.12 1.63
N SER A 258 -16.32 -12.94 2.09
CA SER A 258 -17.28 -12.76 3.16
C SER A 258 -18.56 -13.55 2.96
N GLY A 259 -18.87 -14.45 3.88
CA GLY A 259 -20.12 -15.19 3.85
C GLY A 259 -19.96 -16.65 3.53
N GLU A 260 -18.76 -17.06 3.11
CA GLU A 260 -18.48 -18.43 2.77
C GLU A 260 -17.89 -19.19 3.95
N SER A 261 -18.11 -20.50 3.97
CA SER A 261 -17.50 -21.34 4.98
C SER A 261 -16.97 -22.54 4.21
N TYR A 262 -15.81 -23.08 4.54
CA TYR A 262 -15.22 -24.22 3.88
C TYR A 262 -14.70 -25.18 4.92
N SER A 263 -14.66 -26.46 4.59
CA SER A 263 -13.84 -27.34 5.41
C SER A 263 -12.85 -27.95 4.46
N VAL A 264 -11.62 -27.88 4.92
CA VAL A 264 -10.46 -28.38 4.25
C VAL A 264 -9.86 -29.48 5.14
N LEU A 265 -9.22 -30.50 4.59
CA LEU A 265 -8.48 -31.49 5.38
C LEU A 265 -7.01 -31.33 5.09
N ILE A 266 -6.14 -31.50 6.08
CA ILE A 266 -4.70 -31.51 5.90
C ILE A 266 -4.18 -32.79 6.58
N THR A 267 -2.96 -33.22 6.28
CA THR A 267 -2.34 -34.36 6.93
C THR A 267 -0.96 -33.91 7.34
N THR A 268 -0.63 -34.08 8.61
CA THR A 268 0.68 -33.64 9.08
C THR A 268 1.78 -34.61 8.73
N ASP A 269 2.05 -34.70 7.42
CA ASP A 269 3.03 -35.58 6.82
C ASP A 269 4.33 -34.88 6.43
N GLN A 270 4.68 -33.81 7.16
CA GLN A 270 5.86 -33.03 6.84
C GLN A 270 6.94 -33.24 7.90
N ASN A 271 8.10 -32.59 7.74
CA ASN A 271 9.20 -32.75 8.66
C ASN A 271 8.79 -32.38 10.08
N PRO A 272 8.86 -33.32 11.01
CA PRO A 272 8.27 -33.20 12.33
C PRO A 272 9.09 -32.37 13.30
N SER A 273 10.28 -31.93 12.97
CA SER A 273 11.07 -31.11 13.85
C SER A 273 10.88 -29.63 13.54
N GLU A 274 9.84 -29.22 12.80
CA GLU A 274 9.65 -27.80 12.60
C GLU A 274 8.18 -27.43 12.63
N ASN A 275 8.01 -26.13 12.73
CA ASN A 275 6.70 -25.51 12.76
C ASN A 275 6.46 -24.85 11.41
N TYR A 276 5.21 -24.58 11.02
CA TYR A 276 4.91 -24.06 9.69
C TYR A 276 3.98 -22.85 9.74
N TRP A 277 4.08 -21.96 8.77
CA TRP A 277 3.28 -20.74 8.72
C TRP A 277 1.88 -20.90 8.14
N VAL A 278 0.92 -20.25 8.78
CA VAL A 278 -0.45 -20.12 8.30
C VAL A 278 -0.51 -18.64 7.96
N SER A 279 -0.95 -18.32 6.72
CA SER A 279 -1.02 -16.93 6.25
C SER A 279 -2.38 -16.69 5.64
N VAL A 280 -3.05 -15.63 6.07
CA VAL A 280 -4.36 -15.28 5.53
C VAL A 280 -4.12 -13.89 4.94
N GLY A 281 -3.99 -13.79 3.60
CA GLY A 281 -3.74 -12.51 2.94
C GLY A 281 -4.90 -11.92 2.16
N THR A 282 -4.89 -10.61 1.91
CA THR A 282 -5.96 -9.92 1.19
C THR A 282 -5.82 -10.04 -0.32
N ARG A 283 -6.93 -10.23 -1.02
CA ARG A 283 -6.92 -10.23 -2.47
C ARG A 283 -8.16 -9.50 -2.92
N ALA A 284 -8.27 -9.30 -4.24
CA ALA A 284 -9.40 -8.69 -4.93
C ALA A 284 -9.49 -7.18 -4.77
N ARG A 285 -8.58 -6.54 -4.04
CA ARG A 285 -8.51 -5.13 -3.77
C ARG A 285 -7.05 -4.86 -3.52
N HIS A 286 -6.54 -3.70 -3.90
CA HIS A 286 -5.16 -3.33 -3.69
C HIS A 286 -4.91 -3.43 -2.19
N PRO A 287 -4.00 -4.31 -1.74
CA PRO A 287 -3.85 -4.61 -0.34
C PRO A 287 -3.17 -3.46 0.38
N ASN A 288 -3.67 -3.13 1.56
CA ASN A 288 -3.03 -2.19 2.43
C ASN A 288 -3.12 -2.75 3.84
N THR A 289 -3.29 -4.05 4.02
CA THR A 289 -3.40 -4.67 5.33
C THR A 289 -2.36 -5.78 5.43
N PRO A 290 -1.51 -5.84 6.46
CA PRO A 290 -0.66 -6.99 6.74
C PRO A 290 -1.46 -8.29 6.85
N PRO A 291 -0.91 -9.41 6.40
CA PRO A 291 -1.56 -10.72 6.48
C PRO A 291 -1.76 -11.13 7.92
N GLY A 292 -2.85 -11.84 8.13
CA GLY A 292 -3.07 -12.47 9.43
C GLY A 292 -2.14 -13.69 9.50
N LEU A 293 -1.43 -13.96 10.59
CA LEU A 293 -0.47 -15.06 10.66
C LEU A 293 -0.63 -15.87 11.93
N THR A 294 -0.36 -17.16 11.86
CA THR A 294 -0.28 -17.99 13.05
C THR A 294 0.65 -19.15 12.70
N LEU A 295 0.90 -20.08 13.63
CA LEU A 295 1.74 -21.24 13.40
C LEU A 295 0.92 -22.51 13.39
N LEU A 296 1.39 -23.44 12.59
CA LEU A 296 0.88 -24.79 12.64
C LEU A 296 2.02 -25.41 13.41
N ASN A 297 1.73 -25.65 14.66
CA ASN A 297 2.71 -26.20 15.59
C ASN A 297 2.63 -27.70 15.69
N TYR A 298 3.68 -28.37 15.17
CA TYR A 298 3.80 -29.81 15.32
C TYR A 298 4.31 -30.09 16.74
N LEU A 299 3.51 -30.73 17.57
CA LEU A 299 3.93 -31.03 18.94
C LEU A 299 4.98 -32.15 18.89
N PRO A 300 6.09 -32.15 19.63
CA PRO A 300 6.36 -31.35 20.82
C PRO A 300 7.25 -30.13 20.62
N ASN A 301 7.42 -29.67 19.38
CA ASN A 301 8.30 -28.54 19.13
C ASN A 301 7.78 -27.31 19.82
N SER A 302 8.69 -26.56 20.41
CA SER A 302 8.29 -25.33 21.05
C SER A 302 7.73 -24.47 19.93
N VAL A 303 6.74 -23.70 20.34
CA VAL A 303 6.01 -22.81 19.47
C VAL A 303 6.88 -21.61 19.14
N SER A 304 7.91 -21.33 19.94
CA SER A 304 8.89 -20.31 19.63
C SER A 304 9.91 -20.81 18.60
N LYS A 305 9.80 -22.04 18.09
CA LYS A 305 10.70 -22.51 17.07
C LYS A 305 10.02 -22.06 15.76
N LEU A 306 10.56 -20.97 15.25
CA LEU A 306 10.04 -20.35 14.06
C LEU A 306 10.36 -21.14 12.81
N PRO A 307 9.55 -21.10 11.76
CA PRO A 307 9.78 -21.86 10.55
C PRO A 307 11.04 -21.42 9.82
N THR A 308 11.64 -22.35 9.08
CA THR A 308 12.80 -22.04 8.27
C THR A 308 12.46 -21.11 7.11
N SER A 309 11.27 -21.24 6.56
CA SER A 309 10.85 -20.37 5.49
C SER A 309 10.02 -19.21 6.00
N PRO A 310 10.00 -18.12 5.24
CA PRO A 310 9.02 -17.03 5.33
C PRO A 310 7.58 -17.53 5.17
N PRO A 311 6.54 -16.82 5.62
CA PRO A 311 5.16 -17.16 5.31
C PRO A 311 4.88 -17.28 3.81
N PRO A 312 3.96 -18.10 3.30
CA PRO A 312 3.67 -18.15 1.89
C PRO A 312 3.22 -16.78 1.39
N GLN A 313 3.86 -16.35 0.31
CA GLN A 313 3.62 -15.08 -0.34
C GLN A 313 2.20 -15.09 -0.90
N THR A 314 1.35 -14.14 -0.59
CA THR A 314 -0.03 -14.14 -1.07
C THR A 314 -0.11 -13.94 -2.58
N PRO A 315 -0.94 -14.71 -3.31
CA PRO A 315 -1.23 -14.52 -4.75
C PRO A 315 -1.57 -13.07 -5.06
N ALA A 316 -1.11 -12.58 -6.21
CA ALA A 316 -1.29 -11.20 -6.65
C ALA A 316 -2.76 -10.82 -6.60
N TRP A 317 -3.11 -9.75 -5.93
CA TRP A 317 -4.49 -9.43 -5.66
C TRP A 317 -5.44 -9.37 -6.85
N ASP A 318 -4.86 -9.05 -8.01
CA ASP A 318 -5.64 -8.81 -9.20
C ASP A 318 -5.52 -9.86 -10.29
N ASP A 319 -5.09 -11.06 -9.91
CA ASP A 319 -5.01 -12.11 -10.87
C ASP A 319 -6.33 -12.86 -10.77
N PHE A 320 -7.32 -12.24 -11.40
CA PHE A 320 -8.69 -12.72 -11.43
C PHE A 320 -8.81 -14.04 -12.16
N ASP A 321 -7.88 -14.30 -13.09
CA ASP A 321 -7.84 -15.57 -13.79
C ASP A 321 -7.45 -16.67 -12.82
N ARG A 322 -6.52 -16.43 -11.90
CA ARG A 322 -6.17 -17.40 -10.88
C ARG A 322 -7.39 -17.63 -9.98
N SER A 323 -8.08 -16.56 -9.61
CA SER A 323 -9.26 -16.68 -8.78
C SER A 323 -10.37 -17.48 -9.44
N LYS A 324 -10.62 -17.29 -10.72
CA LYS A 324 -11.67 -18.02 -11.45
C LYS A 324 -11.29 -19.51 -11.55
N ASN A 325 -10.02 -19.75 -11.72
CA ASN A 325 -9.50 -21.09 -11.78
C ASN A 325 -9.82 -21.86 -10.51
N PHE A 326 -9.78 -21.22 -9.32
CA PHE A 326 -10.20 -21.86 -8.10
C PHE A 326 -11.72 -21.99 -8.09
N THR A 327 -12.44 -20.89 -8.20
CA THR A 327 -13.88 -20.86 -8.07
C THR A 327 -14.66 -21.78 -8.99
N TYR A 328 -14.20 -21.87 -10.23
CA TYR A 328 -14.92 -22.65 -11.24
C TYR A 328 -14.82 -24.16 -11.05
N ARG A 329 -13.80 -24.59 -10.32
CA ARG A 329 -13.51 -25.96 -10.02
C ARG A 329 -14.45 -26.55 -8.97
N ILE A 330 -15.35 -25.77 -8.33
CA ILE A 330 -16.20 -26.27 -7.25
C ILE A 330 -17.48 -26.90 -7.79
N THR A 331 -17.67 -28.21 -7.58
CA THR A 331 -18.83 -28.98 -8.02
C THR A 331 -19.42 -29.78 -6.86
N ALA A 332 -20.68 -30.17 -7.00
CA ALA A 332 -21.38 -30.88 -5.94
C ALA A 332 -20.83 -32.29 -5.76
N ALA A 333 -20.75 -32.76 -4.52
CA ALA A 333 -20.33 -34.13 -4.28
C ALA A 333 -21.26 -35.10 -4.98
N MET A 334 -20.64 -36.16 -5.44
CA MET A 334 -21.32 -37.27 -6.08
C MET A 334 -22.48 -37.73 -5.24
N GLY A 335 -23.67 -37.59 -5.80
CA GLY A 335 -24.88 -37.99 -5.12
C GLY A 335 -25.65 -36.84 -4.53
N SER A 336 -25.22 -35.60 -4.74
CA SER A 336 -25.98 -34.44 -4.27
C SER A 336 -27.31 -34.21 -5.02
N PRO A 337 -28.27 -33.46 -4.43
CA PRO A 337 -29.45 -32.95 -5.13
C PRO A 337 -29.09 -32.19 -6.39
N LYS A 338 -29.71 -32.58 -7.50
CA LYS A 338 -29.52 -31.92 -8.80
C LYS A 338 -30.60 -30.86 -9.03
N PRO A 339 -30.39 -29.74 -9.71
CA PRO A 339 -31.43 -28.76 -9.97
C PRO A 339 -32.68 -29.29 -10.70
N PRO A 340 -33.89 -28.71 -10.56
CA PRO A 340 -34.94 -28.78 -11.57
C PRO A 340 -34.32 -28.40 -12.92
N VAL A 341 -34.72 -28.99 -14.05
CA VAL A 341 -34.06 -28.65 -15.29
C VAL A 341 -34.73 -27.46 -15.98
N LYS A 342 -36.00 -27.17 -15.75
CA LYS A 342 -36.62 -26.00 -16.34
C LYS A 342 -36.88 -25.00 -15.22
N PHE A 343 -36.92 -23.69 -15.49
CA PHE A 343 -37.19 -22.68 -14.49
C PHE A 343 -38.53 -22.04 -14.75
N ASN A 344 -39.11 -21.40 -13.75
CA ASN A 344 -40.42 -20.79 -13.93
C ASN A 344 -40.28 -19.29 -13.94
N ARG A 345 -39.21 -18.75 -13.36
CA ARG A 345 -38.94 -17.33 -13.36
C ARG A 345 -37.44 -17.13 -13.48
N ARG A 346 -36.98 -16.20 -14.28
CA ARG A 346 -35.58 -15.84 -14.39
C ARG A 346 -35.59 -14.31 -14.19
N ILE A 347 -34.75 -13.77 -13.30
CA ILE A 347 -34.70 -12.35 -12.95
C ILE A 347 -33.26 -11.96 -13.22
N PHE A 348 -33.06 -10.76 -13.74
CA PHE A 348 -31.75 -10.23 -14.09
C PHE A 348 -31.51 -9.03 -13.20
N LEU A 349 -30.40 -8.99 -12.48
CA LEU A 349 -30.14 -7.92 -11.54
C LEU A 349 -28.81 -7.32 -11.89
N LEU A 350 -28.83 -6.10 -12.37
CA LEU A 350 -27.64 -5.32 -12.69
C LEU A 350 -27.10 -4.69 -11.43
N ASN A 351 -25.81 -4.78 -11.17
CA ASN A 351 -25.21 -4.24 -9.96
C ASN A 351 -24.49 -2.93 -10.30
N THR A 352 -24.96 -1.73 -9.92
CA THR A 352 -24.19 -0.54 -10.17
C THR A 352 -23.90 0.28 -8.90
N GLN A 353 -22.80 1.03 -8.91
CA GLN A 353 -22.46 2.03 -7.91
C GLN A 353 -22.93 3.31 -8.61
N ASN A 354 -23.68 4.09 -7.83
CA ASN A 354 -24.39 5.24 -8.31
C ASN A 354 -24.25 6.44 -7.40
N VAL A 355 -24.69 7.59 -7.85
CA VAL A 355 -24.72 8.81 -7.07
C VAL A 355 -26.19 9.20 -7.08
N ILE A 356 -26.90 9.03 -5.99
CA ILE A 356 -28.29 9.42 -5.93
C ILE A 356 -28.26 10.66 -5.04
N ASN A 357 -28.71 11.78 -5.60
CA ASN A 357 -28.78 13.06 -4.93
C ASN A 357 -27.56 13.56 -4.14
N GLY A 358 -26.37 13.43 -4.70
CA GLY A 358 -25.17 13.83 -4.00
C GLY A 358 -24.56 12.65 -3.29
N TYR A 359 -25.36 11.67 -2.86
CA TYR A 359 -24.86 10.52 -2.12
C TYR A 359 -24.40 9.37 -3.03
N VAL A 360 -23.26 8.75 -2.73
CA VAL A 360 -22.82 7.58 -3.48
C VAL A 360 -23.58 6.38 -2.92
N LYS A 361 -24.37 5.65 -3.70
CA LYS A 361 -25.15 4.53 -3.21
C LYS A 361 -24.91 3.34 -4.11
N TRP A 362 -25.34 2.12 -3.79
CA TRP A 362 -25.28 1.03 -4.75
C TRP A 362 -26.73 0.76 -5.13
N ALA A 363 -26.98 0.38 -6.37
CA ALA A 363 -28.33 0.10 -6.80
C ALA A 363 -28.37 -1.22 -7.56
N ILE A 364 -29.57 -1.79 -7.56
CA ILE A 364 -29.86 -3.06 -8.19
C ILE A 364 -31.00 -2.71 -9.12
N ASN A 365 -30.71 -2.79 -10.42
CA ASN A 365 -31.62 -2.38 -11.49
C ASN A 365 -32.18 -1.00 -11.19
N ASP A 366 -31.24 -0.15 -10.78
CA ASP A 366 -31.44 1.24 -10.42
C ASP A 366 -32.29 1.56 -9.20
N VAL A 367 -32.44 0.60 -8.29
CA VAL A 367 -33.17 0.81 -7.04
C VAL A 367 -32.17 0.56 -5.91
N SER A 368 -31.92 1.53 -5.04
CA SER A 368 -31.04 1.38 -3.90
C SER A 368 -32.02 1.03 -2.77
N LEU A 369 -31.84 -0.08 -2.08
CA LEU A 369 -32.79 -0.47 -1.03
C LEU A 369 -32.68 0.43 0.19
N ALA A 370 -33.82 0.94 0.67
CA ALA A 370 -33.88 1.63 1.95
C ALA A 370 -34.93 0.83 2.72
N LEU A 371 -34.55 0.20 3.84
CA LEU A 371 -35.46 -0.68 4.54
C LEU A 371 -36.47 0.07 5.38
N PRO A 372 -37.74 -0.32 5.40
CA PRO A 372 -38.79 0.46 6.06
C PRO A 372 -38.69 0.30 7.57
N PRO A 373 -39.38 1.09 8.40
CA PRO A 373 -39.45 0.79 9.83
C PRO A 373 -40.43 -0.31 10.21
N THR A 374 -41.32 -0.75 9.33
CA THR A 374 -42.22 -1.87 9.57
C THR A 374 -41.50 -3.13 9.07
N PRO A 375 -41.34 -4.22 9.84
CA PRO A 375 -40.77 -5.45 9.34
C PRO A 375 -41.66 -6.03 8.23
N TYR A 376 -41.07 -6.37 7.08
CA TYR A 376 -41.80 -6.95 5.96
C TYR A 376 -42.63 -8.17 6.29
N LEU A 377 -42.12 -9.15 7.06
CA LEU A 377 -42.91 -10.34 7.36
C LEU A 377 -44.19 -10.00 8.11
N GLY A 378 -44.14 -9.20 9.19
CA GLY A 378 -45.36 -8.83 9.88
C GLY A 378 -46.28 -8.03 8.97
N ALA A 379 -45.70 -7.12 8.17
CA ALA A 379 -46.44 -6.30 7.23
C ALA A 379 -47.18 -7.10 6.19
N MET A 380 -46.60 -8.20 5.70
CA MET A 380 -47.26 -9.01 4.70
C MET A 380 -48.19 -9.99 5.34
N LYS A 381 -47.94 -10.48 6.56
CA LYS A 381 -48.85 -11.40 7.21
C LYS A 381 -50.13 -10.66 7.54
N TYR A 382 -50.10 -9.41 7.99
CA TYR A 382 -51.34 -8.71 8.33
C TYR A 382 -51.87 -7.80 7.24
N ASN A 383 -51.35 -8.04 6.03
CA ASN A 383 -51.73 -7.33 4.83
C ASN A 383 -51.78 -5.79 4.89
N LEU A 384 -50.68 -5.22 5.39
CA LEU A 384 -50.56 -3.79 5.61
C LEU A 384 -49.98 -3.19 4.34
N LEU A 385 -50.90 -2.78 3.48
CA LEU A 385 -50.52 -2.30 2.17
C LEU A 385 -49.91 -0.90 2.07
N HIS A 386 -49.65 -0.19 3.17
CA HIS A 386 -49.09 1.16 3.08
C HIS A 386 -47.72 1.19 3.72
N ALA A 387 -47.22 0.04 4.20
CA ALA A 387 -45.99 -0.01 4.96
C ALA A 387 -44.76 0.04 4.06
N PHE A 388 -44.95 -0.31 2.78
CA PHE A 388 -43.89 -0.33 1.80
C PHE A 388 -44.57 -0.30 0.44
N ASP A 389 -43.76 -0.17 -0.59
CA ASP A 389 -44.24 -0.06 -1.95
C ASP A 389 -44.76 -1.39 -2.48
N GLN A 390 -46.03 -1.41 -2.83
CA GLN A 390 -46.67 -2.56 -3.42
C GLN A 390 -46.31 -2.85 -4.85
N ASN A 391 -45.80 -1.84 -5.58
CA ASN A 391 -45.45 -2.03 -6.98
C ASN A 391 -44.26 -2.94 -7.13
N PRO A 392 -44.31 -3.96 -8.03
CA PRO A 392 -43.21 -4.87 -8.30
C PRO A 392 -41.93 -4.26 -8.83
N PRO A 393 -40.80 -4.48 -8.16
CA PRO A 393 -39.50 -4.01 -8.63
C PRO A 393 -39.09 -4.67 -9.96
N PRO A 394 -38.21 -4.06 -10.76
CA PRO A 394 -37.83 -4.58 -12.06
C PRO A 394 -37.07 -5.89 -12.04
N GLU A 395 -37.50 -6.75 -12.92
CA GLU A 395 -36.92 -8.07 -13.04
C GLU A 395 -35.93 -8.13 -14.19
N VAL A 396 -35.65 -7.01 -14.84
CA VAL A 396 -34.74 -6.95 -15.98
C VAL A 396 -34.15 -5.54 -15.98
N PHE A 397 -32.98 -5.38 -16.60
CA PHE A 397 -32.36 -4.09 -16.86
C PHE A 397 -32.36 -3.82 -18.41
N PRO A 398 -32.19 -2.59 -18.95
CA PRO A 398 -32.25 -2.26 -20.38
C PRO A 398 -31.17 -2.92 -21.20
N GLU A 399 -31.52 -3.48 -22.36
CA GLU A 399 -30.49 -4.09 -23.20
C GLU A 399 -29.59 -3.08 -23.86
N ASP A 400 -29.88 -1.79 -23.73
CA ASP A 400 -28.96 -0.77 -24.22
C ASP A 400 -28.02 -0.24 -23.15
N TYR A 401 -28.02 -0.84 -21.95
CA TYR A 401 -27.12 -0.38 -20.91
C TYR A 401 -25.72 -0.89 -21.25
N ASP A 402 -24.75 0.00 -21.13
CA ASP A 402 -23.39 -0.35 -21.44
C ASP A 402 -22.69 -0.61 -20.10
N ILE A 403 -22.36 -1.89 -19.80
CA ILE A 403 -21.67 -2.21 -18.56
C ILE A 403 -20.19 -1.83 -18.55
N ASP A 404 -19.65 -1.25 -19.64
CA ASP A 404 -18.23 -0.91 -19.70
C ASP A 404 -17.95 0.54 -19.40
N THR A 405 -18.99 1.31 -19.12
CA THR A 405 -18.87 2.74 -18.92
C THR A 405 -19.52 3.14 -17.59
N PRO A 406 -19.22 4.28 -16.94
CA PRO A 406 -19.90 4.68 -15.73
C PRO A 406 -21.42 4.85 -15.87
N PRO A 407 -22.25 4.74 -14.82
CA PRO A 407 -23.65 5.13 -14.89
C PRO A 407 -23.84 6.61 -15.22
N THR A 408 -24.97 6.89 -15.82
CA THR A 408 -25.42 8.26 -16.02
C THR A 408 -26.19 8.78 -14.80
N ASN A 409 -26.70 7.83 -14.01
CA ASN A 409 -27.52 8.06 -12.82
C ASN A 409 -28.85 8.75 -13.09
N GLU A 410 -29.25 8.84 -14.37
CA GLU A 410 -30.44 9.54 -14.82
C GLU A 410 -31.74 9.12 -14.15
N LYS A 411 -31.92 7.82 -13.94
CA LYS A 411 -33.17 7.31 -13.35
C LYS A 411 -32.95 6.57 -12.02
N THR A 412 -31.83 6.75 -11.32
CA THR A 412 -31.53 5.92 -10.14
C THR A 412 -32.29 6.43 -8.93
N ARG A 413 -33.09 5.53 -8.35
CA ARG A 413 -33.98 5.80 -7.22
C ARG A 413 -33.72 4.92 -6.03
N ILE A 414 -34.17 5.38 -4.88
CA ILE A 414 -34.10 4.59 -3.65
C ILE A 414 -35.50 3.94 -3.66
N GLY A 415 -35.66 2.75 -3.11
CA GLY A 415 -36.96 2.11 -3.08
C GLY A 415 -36.93 1.02 -2.03
N ASN A 416 -38.07 0.36 -1.82
CA ASN A 416 -38.22 -0.71 -0.84
C ASN A 416 -39.32 -1.67 -1.26
N GLY A 417 -39.49 -1.91 -2.56
CA GLY A 417 -40.49 -2.86 -3.01
C GLY A 417 -39.92 -4.27 -2.84
N VAL A 418 -40.75 -5.30 -2.96
CA VAL A 418 -40.35 -6.66 -2.67
C VAL A 418 -40.64 -7.54 -3.88
N TYR A 419 -39.75 -8.49 -4.22
CA TYR A 419 -39.97 -9.43 -5.32
C TYR A 419 -40.83 -10.53 -4.72
N GLN A 420 -41.82 -11.09 -5.41
CA GLN A 420 -42.67 -12.05 -4.75
C GLN A 420 -42.79 -13.33 -5.54
N PHE A 421 -42.64 -14.48 -4.91
CA PHE A 421 -42.71 -15.74 -5.61
C PHE A 421 -43.90 -16.51 -5.07
N LYS A 422 -44.30 -17.53 -5.83
CA LYS A 422 -45.38 -18.41 -5.46
C LYS A 422 -44.64 -19.61 -4.92
N ILE A 423 -45.17 -20.15 -3.83
CA ILE A 423 -44.57 -21.29 -3.18
C ILE A 423 -44.45 -22.41 -4.22
N GLY A 424 -43.24 -22.92 -4.41
CA GLY A 424 -42.99 -23.95 -5.41
C GLY A 424 -42.35 -23.47 -6.72
N GLU A 425 -42.23 -22.17 -6.97
CA GLU A 425 -41.57 -21.67 -8.17
C GLU A 425 -40.12 -22.02 -8.24
N VAL A 426 -39.60 -22.37 -9.41
CA VAL A 426 -38.16 -22.49 -9.59
C VAL A 426 -37.69 -21.13 -10.11
N VAL A 427 -36.71 -20.50 -9.45
CA VAL A 427 -36.28 -19.15 -9.81
C VAL A 427 -34.81 -19.19 -10.18
N ASP A 428 -34.48 -18.53 -11.29
CA ASP A 428 -33.11 -18.33 -11.71
C ASP A 428 -32.84 -16.87 -11.45
N VAL A 429 -31.63 -16.51 -11.05
CA VAL A 429 -31.27 -15.12 -10.80
C VAL A 429 -29.93 -14.97 -11.50
N ILE A 430 -29.87 -14.04 -12.47
CA ILE A 430 -28.67 -13.75 -13.24
C ILE A 430 -28.19 -12.43 -12.64
N LEU A 431 -27.03 -12.45 -12.03
CA LEU A 431 -26.42 -11.30 -11.37
C LEU A 431 -25.45 -10.69 -12.37
N GLN A 432 -25.60 -9.43 -12.75
CA GLN A 432 -24.75 -8.85 -13.76
C GLN A 432 -23.92 -7.74 -13.12
N ASN A 433 -22.60 -7.88 -13.18
CA ASN A 433 -21.71 -6.83 -12.69
C ASN A 433 -21.46 -5.77 -13.77
N ALA A 434 -20.95 -4.58 -13.47
CA ALA A 434 -20.83 -3.50 -14.45
C ALA A 434 -19.69 -2.62 -14.01
N ASN A 435 -19.32 -1.60 -14.81
CA ASN A 435 -18.29 -0.64 -14.41
C ASN A 435 -18.87 0.24 -13.32
N MET A 436 -18.06 0.71 -12.36
CA MET A 436 -18.54 1.54 -11.26
C MET A 436 -18.49 3.01 -11.66
N MET A 437 -18.40 4.00 -10.74
CA MET A 437 -18.35 5.41 -11.12
C MET A 437 -16.95 5.79 -11.56
N LYS A 438 -15.88 5.25 -10.96
CA LYS A 438 -14.54 5.49 -11.48
C LYS A 438 -14.44 4.81 -12.86
N GLU A 439 -13.71 5.37 -13.83
CA GLU A 439 -13.55 4.74 -15.13
C GLU A 439 -12.67 3.52 -15.06
N ASN A 440 -13.10 2.42 -15.69
CA ASN A 440 -12.36 1.16 -15.85
C ASN A 440 -12.13 0.47 -14.52
N LEU A 441 -13.22 0.42 -13.75
CA LEU A 441 -13.19 -0.25 -12.45
C LEU A 441 -14.46 -1.05 -12.27
N SER A 442 -14.33 -2.31 -11.87
CA SER A 442 -15.48 -3.14 -11.47
C SER A 442 -14.86 -4.03 -10.39
N GLU A 443 -15.59 -4.37 -9.33
CA GLU A 443 -15.04 -5.11 -8.18
C GLU A 443 -15.77 -6.43 -8.00
N THR A 444 -15.34 -7.27 -7.06
CA THR A 444 -15.99 -8.54 -6.81
C THR A 444 -16.99 -8.30 -5.68
N HIS A 445 -18.14 -8.94 -5.73
CA HIS A 445 -19.16 -8.75 -4.72
C HIS A 445 -19.64 -10.14 -4.34
N PRO A 446 -19.59 -10.55 -3.05
CA PRO A 446 -20.19 -11.81 -2.60
C PRO A 446 -21.67 -11.62 -2.33
N TRP A 447 -22.59 -12.39 -2.89
CA TRP A 447 -24.01 -12.20 -2.72
C TRP A 447 -24.47 -13.31 -1.83
N HIS A 448 -25.33 -13.06 -0.87
CA HIS A 448 -25.77 -14.11 0.03
C HIS A 448 -27.28 -14.12 0.09
N LEU A 449 -27.89 -15.31 -0.02
CA LEU A 449 -29.32 -15.44 0.10
C LEU A 449 -29.71 -16.07 1.45
N HIS A 450 -30.69 -15.49 2.11
CA HIS A 450 -31.25 -15.99 3.34
C HIS A 450 -32.34 -17.05 3.06
N GLY A 451 -32.49 -17.98 3.99
CA GLY A 451 -33.47 -19.02 4.01
C GLY A 451 -33.46 -20.06 2.92
N HIS A 452 -32.39 -20.20 2.14
CA HIS A 452 -32.33 -21.12 1.02
C HIS A 452 -30.88 -21.39 0.69
N ASP A 453 -30.69 -22.50 -0.02
CA ASP A 453 -29.42 -22.81 -0.65
C ASP A 453 -29.82 -22.90 -2.12
N PHE A 454 -28.94 -22.48 -2.99
CA PHE A 454 -29.15 -22.45 -4.42
C PHE A 454 -28.06 -23.20 -5.13
N TRP A 455 -28.29 -23.59 -6.37
CA TRP A 455 -27.28 -24.23 -7.20
C TRP A 455 -26.53 -23.16 -7.97
N VAL A 456 -25.21 -23.21 -8.10
CA VAL A 456 -24.52 -22.22 -8.89
C VAL A 456 -24.38 -22.86 -10.26
N LEU A 457 -25.20 -22.34 -11.16
CA LEU A 457 -25.26 -22.83 -12.52
C LEU A 457 -24.08 -22.39 -13.35
N GLY A 458 -23.51 -21.20 -13.16
CA GLY A 458 -22.35 -20.84 -13.96
C GLY A 458 -21.91 -19.42 -13.75
N TYR A 459 -20.82 -19.04 -14.41
CA TYR A 459 -20.20 -17.73 -14.34
C TYR A 459 -19.74 -17.39 -15.75
N GLY A 460 -19.53 -16.14 -16.07
CA GLY A 460 -18.99 -15.82 -17.37
C GLY A 460 -18.58 -14.38 -17.36
N ASP A 461 -17.98 -13.99 -18.48
CA ASP A 461 -17.47 -12.64 -18.62
C ASP A 461 -18.40 -11.81 -19.48
N GLY A 462 -18.41 -10.50 -19.24
CA GLY A 462 -19.24 -9.60 -20.01
C GLY A 462 -20.69 -9.79 -19.59
N LYS A 463 -21.53 -9.41 -20.51
CA LYS A 463 -22.96 -9.40 -20.28
C LYS A 463 -23.53 -10.76 -20.72
N PHE A 464 -24.32 -11.36 -19.84
CA PHE A 464 -24.95 -12.64 -20.11
C PHE A 464 -25.85 -12.51 -21.32
N SER A 465 -25.84 -13.51 -22.18
CA SER A 465 -26.70 -13.49 -23.33
C SER A 465 -27.25 -14.87 -23.51
N ALA A 466 -28.17 -14.99 -24.45
CA ALA A 466 -28.74 -16.27 -24.83
C ALA A 466 -27.71 -17.29 -25.32
N GLU A 467 -26.57 -16.82 -25.83
CA GLU A 467 -25.49 -17.66 -26.31
C GLU A 467 -24.88 -18.43 -25.14
N GLU A 468 -25.07 -17.91 -23.93
CA GLU A 468 -24.45 -18.51 -22.76
C GLU A 468 -25.35 -19.55 -22.12
N GLU A 469 -26.57 -19.75 -22.61
CA GLU A 469 -27.47 -20.69 -21.96
C GLU A 469 -26.91 -22.11 -21.89
N SER A 470 -26.33 -22.60 -22.96
CA SER A 470 -25.85 -23.95 -22.98
C SER A 470 -24.66 -24.18 -22.07
N SER A 471 -23.99 -23.15 -21.57
CA SER A 471 -22.84 -23.40 -20.73
C SER A 471 -23.25 -23.67 -19.28
N LEU A 472 -24.53 -23.45 -18.93
CA LEU A 472 -24.97 -23.64 -17.56
C LEU A 472 -24.93 -25.13 -17.16
N ASN A 473 -24.31 -25.31 -15.99
CA ASN A 473 -24.12 -26.64 -15.42
C ASN A 473 -25.36 -27.13 -14.72
N LEU A 474 -26.02 -28.14 -15.26
CA LEU A 474 -27.21 -28.65 -14.60
C LEU A 474 -26.98 -30.07 -14.13
N LYS A 475 -25.74 -30.55 -14.23
CA LYS A 475 -25.47 -31.92 -13.89
C LYS A 475 -24.93 -31.99 -12.47
N ASN A 476 -23.86 -31.25 -12.26
CA ASN A 476 -23.05 -31.26 -11.06
C ASN A 476 -23.02 -29.94 -10.29
N PRO A 477 -23.87 -28.89 -10.41
CA PRO A 477 -23.63 -27.58 -9.80
C PRO A 477 -23.56 -27.58 -8.26
N PRO A 478 -22.68 -26.85 -7.55
CA PRO A 478 -22.68 -26.83 -6.09
C PRO A 478 -23.85 -26.08 -5.47
N LEU A 479 -24.29 -26.57 -4.30
CA LEU A 479 -25.30 -25.91 -3.48
C LEU A 479 -24.55 -24.96 -2.56
N ARG A 480 -24.95 -23.69 -2.53
CA ARG A 480 -24.23 -22.72 -1.73
C ARG A 480 -25.24 -21.73 -1.18
N ASN A 481 -24.80 -20.84 -0.28
CA ASN A 481 -25.64 -19.72 0.16
C ASN A 481 -24.92 -18.41 -0.17
N THR A 482 -23.63 -18.37 -0.50
CA THR A 482 -22.91 -17.17 -0.92
C THR A 482 -22.23 -17.47 -2.27
N VAL A 483 -22.26 -16.50 -3.20
CA VAL A 483 -21.63 -16.62 -4.52
C VAL A 483 -20.99 -15.30 -4.95
N VAL A 484 -19.91 -15.33 -5.73
CA VAL A 484 -19.19 -14.14 -6.13
C VAL A 484 -19.58 -13.73 -7.55
N ILE A 485 -19.53 -12.43 -7.87
CA ILE A 485 -19.56 -11.96 -9.25
C ILE A 485 -18.19 -11.35 -9.44
N PHE A 486 -17.52 -11.71 -10.52
CA PHE A 486 -16.19 -11.16 -10.83
C PHE A 486 -16.33 -9.84 -11.56
N PRO A 487 -15.29 -8.95 -11.63
CA PRO A 487 -15.24 -7.74 -12.46
C PRO A 487 -15.83 -7.93 -13.85
N TYR A 488 -16.85 -7.12 -14.18
CA TYR A 488 -17.55 -7.14 -15.46
C TYR A 488 -18.13 -8.50 -15.84
N GLY A 489 -18.38 -9.41 -14.90
CA GLY A 489 -18.91 -10.72 -15.23
C GLY A 489 -20.34 -10.95 -14.78
N TRP A 490 -20.89 -12.13 -15.07
CA TRP A 490 -22.21 -12.53 -14.59
C TRP A 490 -22.12 -13.85 -13.82
N THR A 491 -23.09 -14.22 -12.99
CA THR A 491 -23.12 -15.50 -12.28
C THR A 491 -24.59 -15.88 -12.33
N ALA A 492 -24.97 -17.12 -12.61
CA ALA A 492 -26.35 -17.53 -12.68
C ALA A 492 -26.62 -18.52 -11.55
N ILE A 493 -27.70 -18.39 -10.79
CA ILE A 493 -28.01 -19.34 -9.73
C ILE A 493 -29.46 -19.77 -9.85
N ARG A 494 -29.85 -20.93 -9.31
CA ARG A 494 -31.22 -21.44 -9.37
C ARG A 494 -31.61 -21.87 -7.98
N PHE A 495 -32.85 -21.70 -7.52
CA PHE A 495 -33.28 -22.22 -6.23
C PHE A 495 -34.79 -22.42 -6.30
N VAL A 496 -35.40 -23.20 -5.41
CA VAL A 496 -36.84 -23.38 -5.43
C VAL A 496 -37.40 -22.57 -4.26
N ALA A 497 -38.38 -21.72 -4.53
CA ALA A 497 -39.08 -20.92 -3.52
C ALA A 497 -40.06 -21.78 -2.71
N ASP A 498 -39.55 -22.66 -1.86
CA ASP A 498 -40.32 -23.54 -1.00
C ASP A 498 -40.26 -23.17 0.50
N ASN A 499 -40.01 -21.91 0.90
CA ASN A 499 -39.81 -21.65 2.32
C ASN A 499 -40.57 -20.44 2.79
N PRO A 500 -41.80 -20.54 3.30
CA PRO A 500 -42.66 -19.41 3.61
C PRO A 500 -41.97 -18.35 4.47
N GLY A 501 -41.92 -17.10 4.04
CA GLY A 501 -41.23 -16.06 4.77
C GLY A 501 -40.69 -14.98 3.86
N VAL A 502 -39.92 -14.03 4.42
CA VAL A 502 -39.40 -12.89 3.70
C VAL A 502 -37.88 -12.93 3.87
N TRP A 503 -37.17 -13.03 2.76
CA TRP A 503 -35.75 -13.34 2.78
C TRP A 503 -34.86 -12.30 2.15
N ALA A 504 -33.82 -11.84 2.81
CA ALA A 504 -32.91 -10.89 2.23
C ALA A 504 -31.97 -11.56 1.24
N PHE A 505 -31.56 -10.85 0.22
CA PHE A 505 -30.61 -11.39 -0.73
C PHE A 505 -29.75 -10.18 -0.97
N HIS A 506 -28.47 -10.16 -0.62
CA HIS A 506 -27.72 -8.93 -0.69
C HIS A 506 -26.22 -9.20 -0.87
N CYS A 507 -25.43 -8.23 -1.27
CA CYS A 507 -23.99 -8.37 -1.25
C CYS A 507 -23.60 -8.48 0.22
N HIS A 508 -22.76 -9.46 0.61
CA HIS A 508 -22.36 -9.63 1.99
C HIS A 508 -21.22 -8.70 2.38
N ILE A 509 -20.82 -7.69 1.60
CA ILE A 509 -19.84 -6.75 2.11
C ILE A 509 -20.68 -5.73 2.88
N GLU A 510 -20.40 -5.52 4.18
CA GLU A 510 -21.21 -4.68 5.07
C GLU A 510 -21.41 -3.23 4.62
N PRO A 511 -20.46 -2.37 4.22
CA PRO A 511 -20.75 -1.04 3.69
C PRO A 511 -21.62 -1.02 2.44
N HIS A 512 -21.55 -2.04 1.59
CA HIS A 512 -22.35 -2.12 0.38
C HIS A 512 -23.80 -2.32 0.76
N LEU A 513 -24.08 -3.22 1.69
CA LEU A 513 -25.43 -3.44 2.16
C LEU A 513 -25.92 -2.17 2.80
N HIS A 514 -25.07 -1.50 3.56
CA HIS A 514 -25.42 -0.22 4.17
C HIS A 514 -25.76 0.78 3.07
N MET A 515 -25.06 0.81 1.92
CA MET A 515 -25.32 1.76 0.86
C MET A 515 -26.41 1.31 -0.12
N GLY A 516 -27.20 0.27 0.22
CA GLY A 516 -28.32 -0.11 -0.59
C GLY A 516 -28.19 -1.36 -1.45
N MET A 517 -27.02 -2.01 -1.53
CA MET A 517 -26.85 -3.19 -2.36
C MET A 517 -27.51 -4.47 -1.86
N GLY A 518 -28.82 -4.62 -2.05
CA GLY A 518 -29.50 -5.84 -1.73
C GLY A 518 -30.94 -5.79 -2.17
N VAL A 519 -31.69 -6.89 -2.16
CA VAL A 519 -33.11 -6.91 -2.54
C VAL A 519 -33.85 -7.72 -1.48
N VAL A 520 -35.17 -7.80 -1.55
CA VAL A 520 -35.97 -8.58 -0.61
C VAL A 520 -36.83 -9.54 -1.46
N PHE A 521 -36.82 -10.83 -1.11
CA PHE A 521 -37.58 -11.87 -1.78
C PHE A 521 -38.69 -12.38 -0.85
N ALA A 522 -39.96 -12.49 -1.25
CA ALA A 522 -40.99 -12.99 -0.37
C ALA A 522 -41.69 -14.14 -1.06
N GLU A 523 -42.02 -15.22 -0.36
CA GLU A 523 -42.74 -16.34 -0.95
C GLU A 523 -43.64 -17.01 0.11
N GLY A 524 -44.84 -17.37 -0.34
CA GLY A 524 -45.81 -18.06 0.48
C GLY A 524 -46.11 -17.46 1.83
N VAL A 525 -46.18 -16.13 2.03
CA VAL A 525 -46.37 -15.60 3.37
C VAL A 525 -47.74 -15.96 3.94
N GLU A 526 -48.69 -16.34 3.08
CA GLU A 526 -50.01 -16.81 3.52
C GLU A 526 -49.87 -18.03 4.44
N LYS A 527 -48.78 -18.78 4.32
CA LYS A 527 -48.60 -19.98 5.10
C LYS A 527 -47.74 -19.75 6.34
N VAL A 528 -47.39 -18.51 6.68
CA VAL A 528 -46.55 -18.24 7.83
C VAL A 528 -47.46 -18.32 9.05
N GLY A 529 -47.01 -18.96 10.13
CA GLY A 529 -47.78 -19.07 11.36
C GLY A 529 -47.70 -17.81 12.23
N ARG A 530 -47.87 -17.98 13.55
CA ARG A 530 -47.86 -16.90 14.53
C ARG A 530 -46.46 -16.43 14.72
N ILE A 531 -46.32 -15.11 14.66
CA ILE A 531 -45.04 -14.46 14.82
C ILE A 531 -45.01 -14.01 16.27
N PRO A 532 -43.95 -14.20 17.07
CA PRO A 532 -43.81 -13.63 18.41
C PRO A 532 -44.06 -12.14 18.43
N THR A 533 -44.87 -11.69 19.39
CA THR A 533 -45.19 -10.28 19.59
C THR A 533 -44.01 -9.32 19.53
N LYS A 534 -42.85 -9.68 20.07
CA LYS A 534 -41.69 -8.81 20.01
C LYS A 534 -41.21 -8.52 18.62
N ALA A 535 -41.41 -9.45 17.69
CA ALA A 535 -41.04 -9.25 16.31
C ALA A 535 -42.04 -8.37 15.55
N LEU A 536 -43.22 -8.12 16.13
CA LEU A 536 -44.29 -7.30 15.55
C LEU A 536 -44.39 -5.91 16.17
N ALA A 537 -43.90 -5.77 17.40
CA ALA A 537 -44.07 -4.57 18.19
C ALA A 537 -43.20 -3.34 17.85
N CYS A 538 -43.41 -2.85 16.63
CA CYS A 538 -42.85 -1.60 16.14
C CYS A 538 -43.56 -1.32 14.82
N GLY A 539 -43.36 -0.12 14.31
CA GLY A 539 -43.85 0.28 13.01
C GLY A 539 -45.36 0.23 12.89
N GLY A 540 -45.75 -0.12 11.66
CA GLY A 540 -47.14 -0.21 11.26
C GLY A 540 -47.83 -1.41 11.87
N THR A 541 -47.10 -2.49 12.15
CA THR A 541 -47.63 -3.69 12.79
C THR A 541 -48.11 -3.41 14.21
N ALA A 542 -47.32 -2.75 15.05
CA ALA A 542 -47.76 -2.33 16.37
C ALA A 542 -48.94 -1.38 16.25
N LYS A 543 -48.92 -0.43 15.31
CA LYS A 543 -50.04 0.48 15.06
C LYS A 543 -51.37 -0.25 14.82
N SER A 544 -51.50 -1.18 13.87
CA SER A 544 -52.76 -1.85 13.67
C SER A 544 -53.10 -2.85 14.75
N LEU A 545 -52.12 -3.60 15.26
CA LEU A 545 -52.44 -4.62 16.24
C LEU A 545 -52.68 -4.16 17.66
N ILE A 546 -52.11 -3.02 18.10
CA ILE A 546 -52.40 -2.47 19.42
C ILE A 546 -53.72 -1.75 19.27
N ASN A 547 -54.68 -2.26 20.01
CA ASN A 547 -56.00 -1.69 20.03
C ASN A 547 -55.95 -0.57 21.06
N ASN A 548 -56.01 0.66 20.58
CA ASN A 548 -55.95 1.83 21.42
C ASN A 548 -56.85 2.85 20.74
N PRO A 549 -58.19 2.72 20.86
CA PRO A 549 -59.16 3.59 20.21
C PRO A 549 -59.21 4.99 20.82
N LYS A 550 -59.98 5.84 20.15
CA LYS A 550 -60.17 7.19 20.62
C LYS A 550 -61.61 7.57 20.34
N ASN A 551 -62.37 7.77 21.43
CA ASN A 551 -63.74 8.30 21.40
C ASN A 551 -64.83 7.36 20.86
N PRO A 552 -64.60 6.05 20.63
CA PRO A 552 -64.78 4.98 21.61
C PRO A 552 -64.23 5.30 23.01
N SER B 1 32.08 37.39 -15.56
CA SER B 1 32.58 37.06 -14.28
C SER B 1 31.90 38.13 -13.42
N GLN B 2 31.49 37.78 -12.21
CA GLN B 2 30.75 38.64 -11.28
C GLN B 2 30.76 37.87 -9.95
N ILE B 3 30.71 38.53 -8.80
CA ILE B 3 30.68 37.83 -7.53
C ILE B 3 29.26 37.97 -7.02
N ARG B 4 28.68 36.85 -6.66
CA ARG B 4 27.32 36.74 -6.19
C ARG B 4 27.47 36.43 -4.72
N HIS B 5 27.17 37.40 -3.88
CA HIS B 5 27.33 37.28 -2.45
C HIS B 5 26.01 36.96 -1.74
N TYR B 6 25.93 35.93 -0.88
CA TYR B 6 24.73 35.64 -0.13
C TYR B 6 25.03 35.62 1.35
N LYS B 7 24.10 36.24 2.06
CA LYS B 7 24.13 36.34 3.50
C LYS B 7 23.03 35.36 3.92
N TRP B 8 23.40 34.26 4.57
CA TRP B 8 22.45 33.20 4.88
C TRP B 8 22.54 32.69 6.32
N GLU B 9 21.42 32.39 6.98
CA GLU B 9 21.44 31.77 8.30
C GLU B 9 20.52 30.57 8.26
N VAL B 10 20.93 29.50 8.93
CA VAL B 10 20.10 28.31 8.98
C VAL B 10 19.54 28.21 10.40
N GLU B 11 18.24 28.00 10.49
CA GLU B 11 17.58 27.90 11.77
C GLU B 11 16.42 26.93 11.64
N TYR B 12 16.06 26.15 12.66
CA TYR B 12 14.86 25.31 12.60
C TYR B 12 13.69 26.24 12.78
N MET B 13 12.57 26.00 12.10
CA MET B 13 11.38 26.80 12.25
C MET B 13 10.17 25.89 12.14
N PHE B 14 9.02 26.31 12.66
CA PHE B 14 7.78 25.56 12.52
C PHE B 14 7.26 25.75 11.09
N TRP B 15 6.77 24.69 10.44
CA TRP B 15 6.25 24.82 9.10
C TRP B 15 5.43 23.58 8.79
N ALA B 16 4.50 23.74 7.85
CA ALA B 16 3.61 22.66 7.47
C ALA B 16 3.60 22.30 5.99
N PRO B 17 4.57 21.56 5.43
CA PRO B 17 4.72 21.29 3.99
C PRO B 17 3.48 20.65 3.37
N ASN B 18 2.81 19.80 4.14
CA ASN B 18 1.59 19.12 3.72
C ASN B 18 0.39 19.44 4.59
N CYS B 19 0.47 20.66 5.17
CA CYS B 19 -0.52 21.22 6.10
C CYS B 19 -0.64 20.54 7.46
N ASN B 20 0.43 19.86 7.87
CA ASN B 20 0.48 19.21 9.16
C ASN B 20 1.79 19.81 9.60
N GLU B 21 1.72 20.48 10.75
CA GLU B 21 2.86 21.20 11.26
C GLU B 21 3.90 20.28 11.85
N ASN B 22 5.15 20.65 11.64
CA ASN B 22 6.29 19.94 12.17
C ASN B 22 7.38 21.01 12.17
N ILE B 23 8.64 20.67 12.40
CA ILE B 23 9.71 21.65 12.31
C ILE B 23 10.56 21.32 11.09
N VAL B 24 11.02 22.37 10.44
CA VAL B 24 11.71 22.28 9.16
C VAL B 24 13.00 23.07 9.35
N MET B 25 14.06 22.76 8.64
CA MET B 25 15.31 23.48 8.78
C MET B 25 15.21 24.52 7.66
N GLY B 26 15.06 25.80 7.99
CA GLY B 26 14.89 26.84 6.99
C GLY B 26 16.11 27.76 6.83
N ILE B 27 16.26 28.42 5.67
CA ILE B 27 17.40 29.32 5.47
C ILE B 27 16.73 30.66 5.37
N ASN B 28 17.17 31.64 6.15
CA ASN B 28 16.62 32.99 6.09
C ASN B 28 15.09 33.02 6.15
N GLY B 29 14.57 32.18 7.04
CA GLY B 29 13.15 32.09 7.29
C GLY B 29 12.35 31.43 6.19
N GLN B 30 12.89 30.72 5.21
CA GLN B 30 12.03 30.12 4.20
C GLN B 30 12.42 28.69 3.98
N PHE B 31 11.40 27.93 3.58
CA PHE B 31 11.51 26.51 3.24
C PHE B 31 10.77 26.40 1.89
N PRO B 32 11.29 25.80 0.82
CA PRO B 32 12.69 25.40 0.65
C PRO B 32 13.63 26.60 0.63
N GLY B 33 14.91 26.30 0.58
CA GLY B 33 15.92 27.33 0.55
C GLY B 33 15.74 28.31 -0.62
N PRO B 34 16.39 29.48 -0.52
CA PRO B 34 16.49 30.47 -1.60
C PRO B 34 17.23 29.87 -2.79
N THR B 35 16.80 30.22 -4.00
CA THR B 35 17.50 29.82 -5.20
C THR B 35 18.72 30.69 -5.50
N ILE B 36 19.86 30.11 -5.85
CA ILE B 36 21.02 30.87 -6.31
C ILE B 36 20.94 30.89 -7.82
N ARG B 37 21.17 32.00 -8.50
CA ARG B 37 21.21 32.02 -9.95
C ARG B 37 22.39 32.87 -10.31
N ALA B 38 23.24 32.32 -11.13
CA ALA B 38 24.44 33.00 -11.53
C ALA B 38 24.63 32.67 -12.98
N ASN B 39 25.71 33.18 -13.59
CA ASN B 39 26.06 32.81 -14.96
C ASN B 39 27.37 32.08 -14.83
N ALA B 40 27.67 31.18 -15.76
CA ALA B 40 28.91 30.43 -15.73
C ALA B 40 30.12 31.35 -15.73
N GLY B 41 31.03 31.02 -14.84
CA GLY B 41 32.26 31.74 -14.64
C GLY B 41 32.21 32.64 -13.42
N ASP B 42 31.02 32.99 -12.89
CA ASP B 42 30.92 33.86 -11.72
C ASP B 42 31.50 33.18 -10.46
N SER B 43 31.66 33.91 -9.37
CA SER B 43 32.13 33.31 -8.14
C SER B 43 30.98 33.50 -7.15
N VAL B 44 30.63 32.47 -6.40
CA VAL B 44 29.55 32.53 -5.43
C VAL B 44 30.25 32.57 -4.10
N VAL B 45 29.80 33.47 -3.22
CA VAL B 45 30.35 33.60 -1.88
C VAL B 45 29.09 33.46 -1.05
N VAL B 46 29.08 32.50 -0.13
CA VAL B 46 27.94 32.32 0.75
C VAL B 46 28.52 32.39 2.13
N GLU B 47 28.09 33.36 2.92
CA GLU B 47 28.49 33.37 4.30
C GLU B 47 27.26 32.91 5.07
N LEU B 48 27.58 31.75 5.61
CA LEU B 48 26.59 31.00 6.32
C LEU B 48 26.74 31.18 7.81
N THR B 49 25.69 31.60 8.50
CA THR B 49 25.71 31.62 9.94
C THR B 49 24.82 30.49 10.47
N ASN B 50 25.38 29.61 11.28
CA ASN B 50 24.68 28.49 11.88
C ASN B 50 23.86 28.99 13.08
N LYS B 51 22.52 29.05 13.01
CA LYS B 51 21.65 29.50 14.10
C LYS B 51 20.88 28.34 14.75
N LEU B 52 21.44 27.14 14.63
CA LEU B 52 20.88 25.98 15.29
C LEU B 52 21.46 26.08 16.70
N HIS B 53 20.84 25.46 17.69
CA HIS B 53 21.31 25.64 19.05
C HIS B 53 22.40 24.70 19.52
N THR B 54 22.31 23.41 19.19
CA THR B 54 23.28 22.42 19.67
C THR B 54 23.99 21.61 18.58
N GLU B 55 23.57 21.83 17.32
CA GLU B 55 24.02 21.08 16.16
C GLU B 55 24.92 21.84 15.23
N GLY B 56 25.86 21.13 14.63
CA GLY B 56 26.68 21.71 13.60
C GLY B 56 25.94 21.60 12.27
N VAL B 57 26.36 22.33 11.25
CA VAL B 57 25.74 22.25 9.94
C VAL B 57 26.85 22.31 8.89
N VAL B 58 26.59 21.87 7.66
CA VAL B 58 27.42 22.00 6.46
C VAL B 58 26.42 22.09 5.30
N ILE B 59 26.78 22.61 4.11
CA ILE B 59 25.89 22.70 2.94
C ILE B 59 26.82 22.25 1.82
N HIS B 60 26.30 21.31 1.04
CA HIS B 60 26.96 20.75 -0.12
C HIS B 60 26.25 21.35 -1.34
N TRP B 61 27.04 21.66 -2.36
CA TRP B 61 26.54 22.28 -3.58
C TRP B 61 26.59 21.15 -4.61
N HIS B 62 25.46 20.47 -4.82
CA HIS B 62 25.44 19.28 -5.63
C HIS B 62 25.69 19.57 -7.11
N GLY B 63 26.73 18.92 -7.60
CA GLY B 63 27.09 18.98 -9.00
C GLY B 63 28.05 20.11 -9.36
N ILE B 64 28.50 20.92 -8.40
CA ILE B 64 29.48 21.96 -8.68
C ILE B 64 30.77 21.24 -8.37
N LEU B 65 31.76 21.37 -9.26
CA LEU B 65 32.98 20.58 -9.17
C LEU B 65 34.01 20.97 -8.11
N GLN B 66 33.99 22.18 -7.53
CA GLN B 66 34.91 22.63 -6.48
C GLN B 66 36.38 22.58 -6.89
N ARG B 67 36.49 23.01 -8.13
CA ARG B 67 37.73 23.05 -8.88
C ARG B 67 38.54 24.17 -8.28
N GLY B 68 39.60 23.84 -7.54
CA GLY B 68 40.40 24.85 -6.89
C GLY B 68 40.01 25.04 -5.42
N THR B 69 38.75 24.78 -5.04
CA THR B 69 38.27 24.98 -3.68
C THR B 69 37.81 23.70 -2.96
N PRO B 70 38.55 22.59 -2.79
CA PRO B 70 38.02 21.32 -2.25
C PRO B 70 37.43 21.43 -0.83
N TRP B 71 37.91 22.43 -0.09
CA TRP B 71 37.45 22.80 1.25
C TRP B 71 36.02 23.37 1.24
N ALA B 72 35.39 23.72 0.13
CA ALA B 72 34.07 24.28 0.13
C ALA B 72 33.02 23.29 -0.32
N ASP B 73 33.39 22.01 -0.39
CA ASP B 73 32.47 20.97 -0.82
C ASP B 73 31.31 20.76 0.16
N GLY B 74 31.50 21.02 1.46
CA GLY B 74 30.43 20.91 2.44
C GLY B 74 30.10 19.48 2.85
N THR B 75 31.12 18.64 3.00
CA THR B 75 30.93 17.31 3.51
C THR B 75 31.63 17.28 4.85
N ALA B 76 30.85 17.15 5.92
CA ALA B 76 31.42 17.06 7.26
C ALA B 76 32.26 15.78 7.38
N SER B 77 33.44 15.96 7.99
CA SER B 77 34.44 14.92 8.18
C SER B 77 35.13 14.48 6.90
N ILE B 78 34.86 15.12 5.78
CA ILE B 78 35.61 14.81 4.58
C ILE B 78 36.29 16.10 4.16
N SER B 79 35.56 17.13 3.71
CA SER B 79 36.18 18.38 3.34
C SER B 79 36.34 19.34 4.52
N GLN B 80 35.49 19.23 5.54
CA GLN B 80 35.54 20.19 6.61
C GLN B 80 34.99 19.69 7.94
N CYS B 81 35.42 20.34 9.00
CA CYS B 81 34.73 20.23 10.27
C CYS B 81 33.36 20.93 10.07
N ALA B 82 32.29 20.50 10.75
CA ALA B 82 31.00 21.15 10.62
C ALA B 82 31.07 22.50 11.32
N ILE B 83 30.20 23.42 10.89
CA ILE B 83 30.15 24.78 11.39
C ILE B 83 29.38 24.71 12.71
N ASN B 84 29.99 25.30 13.72
CA ASN B 84 29.41 25.29 15.06
C ASN B 84 28.29 26.27 15.27
N PRO B 85 27.37 26.02 16.21
CA PRO B 85 26.36 26.98 16.61
C PRO B 85 26.96 28.38 16.83
N GLY B 86 26.37 29.41 16.23
CA GLY B 86 26.88 30.76 16.41
C GLY B 86 27.99 31.12 15.44
N GLU B 87 28.66 30.21 14.74
CA GLU B 87 29.73 30.63 13.84
C GLU B 87 29.34 30.82 12.37
N THR B 88 30.11 31.68 11.69
CA THR B 88 29.93 32.00 10.27
C THR B 88 31.08 31.40 9.49
N PHE B 89 30.77 30.78 8.37
CA PHE B 89 31.74 30.17 7.49
C PHE B 89 31.48 30.73 6.08
N PHE B 90 32.49 30.90 5.25
CA PHE B 90 32.34 31.36 3.87
C PHE B 90 32.62 30.22 2.90
N TYR B 91 31.68 30.01 2.00
CA TYR B 91 31.85 29.02 0.97
C TYR B 91 32.08 29.89 -0.25
N ASN B 92 33.23 29.81 -0.91
CA ASN B 92 33.51 30.66 -2.05
C ASN B 92 33.95 29.67 -3.08
N PHE B 93 33.32 29.71 -4.23
CA PHE B 93 33.56 28.80 -5.33
C PHE B 93 33.16 29.41 -6.64
N THR B 94 33.63 28.80 -7.72
CA THR B 94 33.33 29.24 -9.06
C THR B 94 32.26 28.30 -9.58
N VAL B 95 31.26 28.77 -10.32
CA VAL B 95 30.31 27.87 -10.98
C VAL B 95 30.85 27.80 -12.40
N ASP B 96 31.32 26.65 -12.85
CA ASP B 96 32.00 26.56 -14.13
C ASP B 96 31.13 26.45 -15.36
N ASN B 97 30.05 25.68 -15.28
CA ASN B 97 29.21 25.44 -16.45
C ASN B 97 27.73 25.54 -16.17
N PRO B 98 26.93 26.03 -17.12
CA PRO B 98 25.49 26.10 -17.03
C PRO B 98 24.75 24.79 -16.78
N GLY B 99 23.55 24.91 -16.19
CA GLY B 99 22.75 23.75 -15.89
C GLY B 99 21.94 23.92 -14.64
N THR B 100 21.19 22.85 -14.37
CA THR B 100 20.31 22.73 -13.22
C THR B 100 21.08 21.97 -12.14
N PHE B 101 21.41 22.66 -11.04
CA PHE B 101 22.08 22.07 -9.88
C PHE B 101 21.23 22.43 -8.66
N PHE B 102 21.61 22.01 -7.44
CA PHE B 102 20.85 22.26 -6.20
C PHE B 102 21.84 22.08 -5.07
N TYR B 103 21.44 22.40 -3.84
CA TYR B 103 22.32 22.25 -2.70
C TYR B 103 21.53 21.54 -1.62
N HIS B 104 22.21 20.92 -0.66
CA HIS B 104 21.52 20.24 0.41
C HIS B 104 22.40 19.96 1.62
N GLY B 105 21.76 19.63 2.73
CA GLY B 105 22.46 19.24 3.92
C GLY B 105 23.25 17.96 3.68
N HIS B 106 24.45 17.92 4.27
CA HIS B 106 25.30 16.76 4.10
C HIS B 106 25.99 16.44 5.42
N LEU B 107 25.21 16.58 6.50
CA LEU B 107 25.63 16.17 7.84
C LEU B 107 24.43 15.45 8.41
N GLY B 108 24.68 14.27 8.97
CA GLY B 108 23.66 13.41 9.57
C GLY B 108 22.54 13.22 8.56
N MET B 109 21.32 13.34 9.03
CA MET B 109 20.20 13.26 8.12
C MET B 109 19.53 14.62 7.97
N GLN B 110 20.33 15.68 8.00
CA GLN B 110 19.81 17.03 7.95
C GLN B 110 19.09 17.41 6.68
N ARG B 111 19.37 16.80 5.52
CA ARG B 111 18.63 17.22 4.35
C ARG B 111 17.19 16.78 4.42
N SER B 112 16.84 15.63 4.99
CA SER B 112 15.45 15.21 5.09
C SER B 112 14.63 16.17 5.96
N ALA B 113 15.32 16.95 6.81
CA ALA B 113 14.72 17.95 7.66
C ALA B 113 14.39 19.22 6.87
N GLY B 114 14.70 19.29 5.58
CA GLY B 114 14.33 20.40 4.76
C GLY B 114 15.47 21.29 4.33
N LEU B 115 16.73 20.98 4.64
CA LEU B 115 17.79 21.86 4.22
C LEU B 115 18.23 21.57 2.78
N TYR B 116 17.61 22.23 1.80
CA TYR B 116 17.94 22.06 0.39
C TYR B 116 17.32 23.15 -0.47
N GLY B 117 17.76 23.43 -1.69
CA GLY B 117 17.12 24.41 -2.57
C GLY B 117 17.81 24.43 -3.92
N SER B 118 17.50 25.34 -4.84
CA SER B 118 18.05 25.35 -6.20
C SER B 118 19.29 26.18 -6.45
N LEU B 119 20.20 25.74 -7.32
CA LEU B 119 21.38 26.51 -7.71
C LEU B 119 21.29 26.43 -9.25
N ILE B 120 20.96 27.48 -10.00
CA ILE B 120 20.87 27.42 -11.46
C ILE B 120 21.96 28.27 -12.12
N VAL B 121 22.72 27.68 -13.03
CA VAL B 121 23.78 28.43 -13.65
C VAL B 121 23.40 28.64 -15.11
N ASP B 122 23.28 29.90 -15.47
CA ASP B 122 22.99 30.27 -16.85
C ASP B 122 24.26 30.28 -17.68
N PRO B 123 24.22 30.20 -19.02
CA PRO B 123 25.36 30.39 -19.92
C PRO B 123 26.22 31.60 -19.58
N PRO B 124 27.51 31.61 -19.99
CA PRO B 124 28.37 32.77 -19.92
C PRO B 124 27.64 33.96 -20.48
N GLN B 125 27.98 35.04 -19.82
CA GLN B 125 27.35 36.33 -20.02
C GLN B 125 27.49 36.70 -21.51
N GLY B 126 26.37 36.74 -22.22
CA GLY B 126 26.36 37.09 -23.63
C GLY B 126 26.06 35.91 -24.55
N LYS B 127 26.26 34.67 -24.09
CA LYS B 127 26.01 33.47 -24.87
C LYS B 127 24.57 32.97 -24.73
N LYS B 128 24.13 32.13 -25.67
CA LYS B 128 22.79 31.58 -25.61
C LYS B 128 22.83 30.06 -25.40
N GLU B 129 21.70 29.50 -24.95
CA GLU B 129 21.59 28.06 -24.76
C GLU B 129 21.46 27.43 -26.14
N PRO B 130 21.97 26.22 -26.39
CA PRO B 130 21.75 25.49 -27.64
C PRO B 130 20.33 25.16 -28.08
N PHE B 131 19.24 25.72 -27.53
CA PHE B 131 17.88 25.38 -27.90
C PHE B 131 17.00 26.56 -27.54
N HIS B 132 15.77 26.66 -28.04
CA HIS B 132 14.94 27.83 -27.77
C HIS B 132 13.70 27.46 -26.98
N TYR B 133 13.35 28.34 -26.05
CA TYR B 133 12.15 28.22 -25.26
C TYR B 133 11.85 29.65 -24.86
N ASP B 134 10.59 29.88 -24.60
CA ASP B 134 10.10 31.21 -24.29
C ASP B 134 10.00 31.43 -22.79
N GLY B 135 10.10 30.38 -22.00
CA GLY B 135 10.06 30.53 -20.57
C GLY B 135 10.59 29.26 -19.95
N GLU B 136 10.70 29.28 -18.64
CA GLU B 136 11.19 28.15 -17.89
C GLU B 136 10.48 28.07 -16.54
N ILE B 137 10.45 26.84 -16.03
CA ILE B 137 9.76 26.49 -14.79
C ILE B 137 10.78 25.67 -14.04
N ASN B 138 10.85 25.92 -12.76
CA ASN B 138 11.78 25.24 -11.91
C ASN B 138 11.00 24.42 -10.90
N LEU B 139 11.31 23.14 -10.91
CA LEU B 139 10.70 22.21 -10.01
C LEU B 139 11.81 21.48 -9.23
N LEU B 140 11.70 21.43 -7.89
CA LEU B 140 12.59 20.65 -7.05
C LEU B 140 11.72 19.64 -6.33
N LEU B 141 12.10 18.37 -6.38
CA LEU B 141 11.28 17.31 -5.82
C LEU B 141 11.91 16.79 -4.55
N SER B 142 11.13 16.46 -3.52
CA SER B 142 11.72 15.88 -2.33
C SER B 142 10.65 15.09 -1.63
N ASP B 143 10.92 14.50 -0.48
CA ASP B 143 9.91 13.69 0.18
C ASP B 143 9.88 14.03 1.64
N TRP B 144 8.82 13.62 2.32
CA TRP B 144 8.54 14.10 3.65
C TRP B 144 7.89 13.04 4.54
N TRP B 145 8.41 12.88 5.75
CA TRP B 145 7.94 11.94 6.77
C TRP B 145 7.34 12.70 7.94
N HIS B 146 6.49 12.09 8.76
CA HIS B 146 5.93 12.85 9.86
C HIS B 146 6.64 12.62 11.19
N GLN B 147 7.53 11.62 11.21
CA GLN B 147 8.29 11.31 12.40
C GLN B 147 9.52 12.21 12.35
N SER B 148 10.02 12.56 13.54
CA SER B 148 11.20 13.37 13.71
C SER B 148 12.44 12.79 13.05
N ILE B 149 13.26 13.64 12.46
CA ILE B 149 14.51 13.25 11.85
C ILE B 149 15.38 12.59 12.90
N HIS B 150 15.35 13.14 14.11
CA HIS B 150 16.21 12.63 15.17
C HIS B 150 15.67 11.35 15.78
N LYS B 151 14.38 11.07 15.68
CA LYS B 151 13.84 9.81 16.14
C LYS B 151 14.12 8.81 15.02
N GLN B 152 14.13 9.24 13.77
CA GLN B 152 14.48 8.38 12.65
C GLN B 152 15.93 7.95 12.74
N GLU B 153 16.86 8.90 12.93
CA GLU B 153 18.25 8.63 13.11
C GLU B 153 18.51 7.65 14.24
N VAL B 154 17.89 7.81 15.42
CA VAL B 154 18.08 6.87 16.51
C VAL B 154 17.47 5.55 16.05
N GLY B 155 16.32 5.48 15.38
CA GLY B 155 15.77 4.22 14.89
C GLY B 155 16.71 3.42 13.97
N LEU B 156 17.44 4.10 13.08
CA LEU B 156 18.38 3.48 12.16
C LEU B 156 19.69 3.15 12.83
N SER B 157 19.94 3.59 14.07
CA SER B 157 21.17 3.25 14.76
C SER B 157 20.91 2.18 15.82
N SER B 158 19.66 1.79 16.01
CA SER B 158 19.25 0.85 17.04
C SER B 158 19.39 -0.59 16.61
N LYS B 159 19.41 -1.48 17.58
CA LYS B 159 19.47 -2.91 17.38
C LYS B 159 18.24 -3.36 18.16
N PRO B 160 17.11 -3.85 17.65
CA PRO B 160 16.81 -4.03 16.23
C PRO B 160 16.45 -2.74 15.45
N ILE B 161 16.93 -2.60 14.21
CA ILE B 161 16.65 -1.43 13.39
C ILE B 161 15.17 -1.15 13.25
N ARG B 162 14.83 0.14 13.34
CA ARG B 162 13.47 0.57 13.11
C ARG B 162 13.62 1.35 11.81
N TRP B 163 13.09 0.75 10.72
CA TRP B 163 13.19 1.33 9.39
C TRP B 163 12.26 2.53 9.32
N ILE B 164 12.68 3.54 8.57
CA ILE B 164 11.94 4.78 8.48
C ILE B 164 10.62 4.64 7.71
N GLY B 165 10.47 3.66 6.82
CA GLY B 165 9.23 3.49 6.09
C GLY B 165 9.18 4.42 4.88
N GLU B 166 8.11 4.22 4.12
CA GLU B 166 7.81 4.97 2.90
C GLU B 166 7.46 6.38 3.28
N PRO B 167 7.80 7.43 2.50
CA PRO B 167 7.43 8.79 2.89
C PRO B 167 5.91 9.02 2.97
N GLN B 168 5.52 9.98 3.79
CA GLN B 168 4.11 10.32 3.88
C GLN B 168 3.68 11.21 2.74
N THR B 169 4.54 12.14 2.32
CA THR B 169 4.17 13.06 1.26
C THR B 169 5.35 13.35 0.33
N ILE B 170 5.03 13.46 -0.97
CA ILE B 170 6.01 13.75 -2.02
C ILE B 170 5.84 15.27 -2.16
N LEU B 171 6.90 16.06 -2.12
CA LEU B 171 6.78 17.52 -2.20
C LEU B 171 7.27 18.03 -3.54
N LEU B 172 6.53 18.98 -4.09
CA LEU B 172 6.83 19.61 -5.38
C LEU B 172 7.02 21.08 -5.00
N ASN B 173 8.28 21.50 -4.96
CA ASN B 173 8.68 22.84 -4.53
C ASN B 173 8.24 23.16 -3.10
N GLY B 174 8.46 22.16 -2.25
CA GLY B 174 8.15 22.22 -0.84
C GLY B 174 6.70 21.99 -0.49
N ARG B 175 5.72 21.81 -1.38
CA ARG B 175 4.34 21.61 -0.99
C ARG B 175 3.83 20.26 -1.45
N GLY B 176 2.87 19.70 -0.72
CA GLY B 176 2.29 18.41 -0.98
C GLY B 176 1.04 18.24 -0.13
N GLN B 177 0.21 17.24 -0.38
CA GLN B 177 -1.02 17.08 0.38
C GLN B 177 -1.03 15.71 1.06
N PHE B 178 -1.62 15.64 2.24
CA PHE B 178 -1.69 14.40 3.01
C PHE B 178 -3.15 14.14 3.39
N ASP B 179 -3.56 12.88 3.26
CA ASP B 179 -4.90 12.37 3.55
C ASP B 179 -6.05 12.91 2.73
N CYS B 180 -5.78 13.79 1.77
CA CYS B 180 -6.77 14.33 0.86
C CYS B 180 -6.05 14.43 -0.49
N SER B 181 -6.80 14.67 -1.57
CA SER B 181 -6.25 14.71 -2.90
C SER B 181 -6.87 15.89 -3.62
N ILE B 182 -6.09 16.63 -4.42
CA ILE B 182 -6.68 17.70 -5.20
C ILE B 182 -7.40 17.11 -6.41
N ALA B 183 -7.20 15.82 -6.68
CA ALA B 183 -7.86 15.11 -7.77
C ALA B 183 -8.90 14.09 -7.28
N ALA B 184 -9.49 14.38 -6.11
CA ALA B 184 -10.52 13.52 -5.58
C ALA B 184 -11.77 13.42 -6.45
N LYS B 185 -12.00 14.36 -7.39
CA LYS B 185 -13.16 14.33 -8.28
C LYS B 185 -13.33 12.99 -9.01
N TYR B 186 -12.24 12.35 -9.39
CA TYR B 186 -12.30 11.15 -10.21
C TYR B 186 -12.54 9.87 -9.43
N ASP B 187 -12.56 9.94 -8.10
CA ASP B 187 -12.67 8.74 -7.31
C ASP B 187 -13.40 9.05 -6.02
N SER B 188 -14.54 8.41 -5.72
CA SER B 188 -15.28 8.63 -4.48
C SER B 188 -14.51 8.19 -3.24
N ASN B 189 -13.51 7.31 -3.39
CA ASN B 189 -12.70 6.82 -2.28
C ASN B 189 -11.67 7.80 -1.75
N LEU B 190 -11.46 8.93 -2.45
CA LEU B 190 -10.47 9.90 -2.07
C LEU B 190 -11.21 11.03 -1.38
N GLU B 191 -10.53 11.72 -0.48
CA GLU B 191 -11.11 12.81 0.26
C GLU B 191 -10.68 14.07 -0.50
N PRO B 192 -11.53 15.04 -0.81
CA PRO B 192 -11.19 16.35 -1.34
C PRO B 192 -10.40 17.23 -0.35
N CYS B 193 -9.47 18.04 -0.83
CA CYS B 193 -8.74 18.93 0.04
C CYS B 193 -9.52 20.24 0.21
N LYS B 194 -9.54 20.87 1.38
CA LYS B 194 -10.29 22.11 1.51
C LYS B 194 -9.22 23.18 1.53
N LEU B 195 -8.77 23.49 0.31
CA LEU B 195 -7.71 24.46 0.14
C LEU B 195 -8.22 25.64 -0.65
N LYS B 196 -7.76 26.83 -0.27
CA LYS B 196 -8.07 28.07 -0.96
C LYS B 196 -7.00 28.49 -1.99
N GLY B 197 -5.78 27.97 -1.90
CA GLY B 197 -4.69 28.38 -2.78
C GLY B 197 -3.62 29.14 -2.01
N SER B 198 -3.97 29.63 -0.83
CA SER B 198 -3.10 30.43 0.02
C SER B 198 -2.23 29.70 1.03
N GLU B 199 -2.56 28.43 1.23
CA GLU B 199 -1.93 27.63 2.25
C GLU B 199 -0.50 27.21 1.94
N SER B 200 0.22 26.81 2.98
CA SER B 200 1.60 26.37 2.88
C SER B 200 1.71 25.12 2.00
N CYS B 201 0.68 24.28 2.03
CA CYS B 201 0.63 23.06 1.24
C CYS B 201 -0.19 23.13 -0.07
N ALA B 202 -0.64 24.30 -0.50
CA ALA B 202 -1.44 24.40 -1.72
C ALA B 202 -0.45 24.26 -2.88
N PRO B 203 -0.76 23.55 -3.98
CA PRO B 203 0.20 23.29 -5.06
C PRO B 203 0.79 24.48 -5.81
N TYR B 204 2.09 24.42 -6.12
CA TYR B 204 2.75 25.45 -6.92
C TYR B 204 2.24 25.21 -8.32
N ILE B 205 1.35 26.05 -8.81
CA ILE B 205 0.78 25.85 -10.12
C ILE B 205 1.69 26.36 -11.22
N PHE B 206 1.72 25.64 -12.33
CA PHE B 206 2.55 26.01 -13.47
C PHE B 206 1.66 26.83 -14.42
N HIS B 207 1.95 28.10 -14.64
CA HIS B 207 1.18 28.99 -15.50
C HIS B 207 1.86 29.07 -16.87
N VAL B 208 1.13 28.82 -17.96
CA VAL B 208 1.70 28.83 -19.30
C VAL B 208 0.71 29.47 -20.26
N SER B 209 1.25 30.04 -21.33
CA SER B 209 0.45 30.63 -22.40
C SER B 209 0.41 29.60 -23.52
N PRO B 210 -0.65 29.48 -24.32
CA PRO B 210 -0.74 28.51 -25.41
C PRO B 210 0.29 28.83 -26.47
N LYS B 211 0.65 27.82 -27.27
CA LYS B 211 1.59 27.93 -28.37
C LYS B 211 3.01 28.46 -28.04
N LYS B 212 3.52 28.18 -26.85
CA LYS B 212 4.87 28.55 -26.46
C LYS B 212 5.62 27.30 -26.05
N THR B 213 6.93 27.39 -25.96
CA THR B 213 7.79 26.27 -25.62
C THR B 213 8.45 26.63 -24.28
N TYR B 214 8.58 25.72 -23.32
CA TYR B 214 9.10 26.01 -21.99
C TYR B 214 10.16 25.02 -21.60
N ARG B 215 11.15 25.46 -20.80
CA ARG B 215 12.19 24.63 -20.22
C ARG B 215 11.77 24.30 -18.78
N ILE B 216 11.48 23.03 -18.48
CA ILE B 216 11.12 22.63 -17.13
C ILE B 216 12.35 21.91 -16.58
N ARG B 217 12.91 22.60 -15.60
CA ARG B 217 14.12 22.15 -14.92
C ARG B 217 13.64 21.36 -13.70
N ILE B 218 14.04 20.10 -13.58
CA ILE B 218 13.58 19.17 -12.54
C ILE B 218 14.79 18.59 -11.84
N ALA B 219 14.88 18.74 -10.52
CA ALA B 219 15.98 18.18 -9.75
C ALA B 219 15.37 17.36 -8.62
N SER B 220 16.00 16.27 -8.20
CA SER B 220 15.53 15.50 -7.06
C SER B 220 16.55 15.54 -5.91
N THR B 221 16.07 15.78 -4.69
CA THR B 221 16.89 15.76 -3.49
C THR B 221 16.06 14.89 -2.56
N THR B 222 15.43 13.81 -3.06
CA THR B 222 14.59 13.01 -2.17
C THR B 222 15.51 12.25 -1.22
N ALA B 223 15.14 11.92 0.01
CA ALA B 223 15.96 11.03 0.83
C ALA B 223 15.81 9.61 0.38
N LEU B 224 14.64 9.24 -0.17
CA LEU B 224 14.47 7.85 -0.55
C LEU B 224 13.85 7.60 -1.92
N ALA B 225 12.80 8.35 -2.23
CA ALA B 225 11.92 8.12 -3.36
C ALA B 225 12.50 8.22 -4.77
N ALA B 226 12.22 7.23 -5.60
CA ALA B 226 12.51 7.31 -7.02
C ALA B 226 11.16 7.74 -7.57
N LEU B 227 11.12 8.82 -8.32
CA LEU B 227 9.85 9.36 -8.81
C LEU B 227 9.75 9.31 -10.33
N ASN B 228 8.54 9.44 -10.88
CA ASN B 228 8.27 9.44 -12.33
C ASN B 228 7.41 10.65 -12.63
N PHE B 229 7.92 11.54 -13.45
CA PHE B 229 7.29 12.81 -13.81
C PHE B 229 6.55 12.67 -15.14
N ALA B 230 5.30 13.07 -15.20
CA ALA B 230 4.50 12.96 -16.42
C ALA B 230 3.53 14.15 -16.49
N ILE B 231 3.23 14.67 -17.69
CA ILE B 231 2.27 15.75 -17.87
C ILE B 231 1.20 15.24 -18.84
N GLY B 232 -0.05 15.42 -18.43
CA GLY B 232 -1.20 14.98 -19.19
C GLY B 232 -1.24 15.65 -20.55
N ASN B 233 -1.27 14.76 -21.54
CA ASN B 233 -1.38 15.11 -22.93
C ASN B 233 -0.16 15.88 -23.43
N HIS B 234 1.02 15.78 -22.82
CA HIS B 234 2.20 16.51 -23.29
C HIS B 234 3.49 15.69 -23.23
N GLN B 235 4.07 15.55 -24.42
CA GLN B 235 5.31 14.79 -24.59
C GLN B 235 6.47 15.67 -24.15
N LEU B 236 7.54 15.06 -23.69
CA LEU B 236 8.67 15.76 -23.14
C LEU B 236 9.90 15.59 -24.03
N LEU B 237 10.59 16.68 -24.34
CA LEU B 237 11.83 16.57 -25.08
C LEU B 237 12.95 16.73 -24.05
N VAL B 238 13.70 15.66 -23.83
CA VAL B 238 14.74 15.66 -22.83
C VAL B 238 15.92 16.37 -23.48
N VAL B 239 16.43 17.48 -22.90
CA VAL B 239 17.55 18.21 -23.46
C VAL B 239 18.73 18.42 -22.52
N GLU B 240 18.61 18.24 -21.20
CA GLU B 240 19.77 18.38 -20.33
C GLU B 240 19.69 17.34 -19.23
N ALA B 241 20.84 16.91 -18.72
CA ALA B 241 20.90 15.95 -17.63
C ALA B 241 22.17 16.25 -16.86
N ASP B 242 21.99 16.54 -15.57
CA ASP B 242 23.08 16.81 -14.63
C ASP B 242 24.06 17.86 -15.08
N GLY B 243 23.53 19.02 -15.51
CA GLY B 243 24.36 20.12 -16.01
C GLY B 243 25.00 19.91 -17.38
N ASN B 244 24.81 18.76 -18.04
CA ASN B 244 25.36 18.53 -19.36
C ASN B 244 24.24 18.33 -20.34
N TYR B 245 24.54 18.40 -21.61
CA TYR B 245 23.50 18.27 -22.63
C TYR B 245 23.60 16.87 -23.21
N VAL B 246 22.40 16.37 -23.45
CA VAL B 246 22.22 15.02 -23.98
C VAL B 246 21.69 15.08 -25.41
N GLN B 247 21.72 13.97 -26.13
CA GLN B 247 21.21 13.92 -27.50
C GLN B 247 19.69 13.99 -27.34
N PRO B 248 18.93 14.97 -27.83
CA PRO B 248 17.50 15.17 -27.53
C PRO B 248 16.60 14.02 -27.95
N PHE B 249 15.57 13.69 -27.15
CA PHE B 249 14.63 12.64 -27.50
C PHE B 249 13.31 12.89 -26.82
N TYR B 250 12.27 12.25 -27.33
CA TYR B 250 10.94 12.48 -26.80
C TYR B 250 10.51 11.36 -25.90
N THR B 251 9.69 11.66 -24.89
CA THR B 251 9.18 10.66 -24.00
C THR B 251 7.88 11.14 -23.39
N SER B 252 7.04 10.23 -22.93
CA SER B 252 5.81 10.67 -22.30
C SER B 252 5.99 10.94 -20.83
N ASP B 253 7.13 10.55 -20.24
CA ASP B 253 7.39 10.70 -18.81
C ASP B 253 8.82 10.36 -18.52
N ILE B 254 9.41 10.91 -17.47
CA ILE B 254 10.79 10.58 -17.15
C ILE B 254 10.87 10.01 -15.74
N ASP B 255 11.86 9.16 -15.53
CA ASP B 255 12.12 8.60 -14.22
C ASP B 255 13.22 9.50 -13.66
N ILE B 256 13.20 9.77 -12.36
CA ILE B 256 14.25 10.58 -11.77
C ILE B 256 14.49 10.04 -10.36
N TYR B 257 15.77 9.77 -10.13
CA TYR B 257 16.24 9.17 -8.89
C TYR B 257 16.90 10.27 -8.08
N SER B 258 17.07 10.08 -6.78
CA SER B 258 17.68 11.10 -5.95
C SER B 258 19.05 11.58 -6.43
N GLY B 259 19.24 12.89 -6.55
CA GLY B 259 20.52 13.45 -6.94
C GLY B 259 20.63 13.74 -8.42
N GLU B 260 19.64 13.40 -9.21
CA GLU B 260 19.69 13.73 -10.63
C GLU B 260 18.98 15.05 -10.92
N SER B 261 19.30 15.68 -12.04
CA SER B 261 18.54 16.83 -12.51
C SER B 261 18.37 16.68 -14.01
N TYR B 262 17.32 17.27 -14.56
CA TYR B 262 16.99 17.17 -15.95
C TYR B 262 16.37 18.49 -16.34
N SER B 263 16.37 18.70 -17.64
CA SER B 263 15.61 19.77 -18.24
C SER B 263 14.95 19.10 -19.40
N VAL B 264 13.69 19.45 -19.51
CA VAL B 264 12.80 18.87 -20.49
C VAL B 264 12.11 20.08 -21.13
N LEU B 265 11.76 20.05 -22.41
CA LEU B 265 11.04 21.16 -23.03
C LEU B 265 9.68 20.67 -23.42
N ILE B 266 8.67 21.53 -23.34
CA ILE B 266 7.32 21.15 -23.73
C ILE B 266 6.79 22.29 -24.59
N THR B 267 5.82 22.03 -25.47
CA THR B 267 5.23 23.09 -26.23
C THR B 267 3.73 23.07 -25.93
N THR B 268 3.08 24.19 -25.62
CA THR B 268 1.66 24.19 -25.32
C THR B 268 0.79 24.11 -26.58
N ASP B 269 0.85 22.96 -27.24
CA ASP B 269 0.11 22.69 -28.45
C ASP B 269 -1.33 22.34 -28.16
N GLN B 270 -1.54 21.58 -27.08
CA GLN B 270 -2.86 21.05 -26.80
C GLN B 270 -3.94 22.10 -26.65
N ASN B 271 -5.18 21.63 -26.78
CA ASN B 271 -6.38 22.46 -26.68
C ASN B 271 -6.30 23.49 -25.56
N PRO B 272 -6.47 24.78 -25.90
CA PRO B 272 -6.20 25.89 -25.02
C PRO B 272 -7.32 26.14 -24.04
N SER B 273 -8.45 25.49 -24.18
CA SER B 273 -9.59 25.68 -23.30
C SER B 273 -9.51 24.91 -21.99
N GLU B 274 -8.43 24.21 -21.70
CA GLU B 274 -8.40 23.37 -20.52
C GLU B 274 -7.07 23.25 -19.85
N ASN B 275 -7.10 22.71 -18.63
CA ASN B 275 -5.90 22.54 -17.81
C ASN B 275 -5.41 21.07 -17.83
N TYR B 276 -4.12 20.78 -17.53
CA TYR B 276 -3.61 19.43 -17.59
C TYR B 276 -2.92 19.10 -16.27
N TRP B 277 -2.99 17.83 -15.85
CA TRP B 277 -2.33 17.37 -14.64
C TRP B 277 -0.86 17.10 -14.82
N VAL B 278 -0.12 17.44 -13.79
CA VAL B 278 1.29 17.11 -13.64
C VAL B 278 1.21 16.10 -12.48
N SER B 279 1.78 14.92 -12.69
CA SER B 279 1.80 13.86 -11.71
C SER B 279 3.23 13.38 -11.61
N VAL B 280 3.62 13.22 -10.35
CA VAL B 280 4.95 12.80 -9.94
C VAL B 280 4.66 11.59 -9.04
N GLY B 281 4.76 10.36 -9.54
CA GLY B 281 4.45 9.18 -8.74
C GLY B 281 5.66 8.34 -8.36
N THR B 282 5.54 7.52 -7.31
CA THR B 282 6.59 6.61 -6.81
C THR B 282 6.78 5.39 -7.71
N ARG B 283 8.02 5.03 -7.96
CA ARG B 283 8.34 3.81 -8.69
C ARG B 283 9.56 3.20 -7.99
N ALA B 284 10.02 2.00 -8.41
CA ALA B 284 11.15 1.23 -7.89
C ALA B 284 11.01 0.62 -6.50
N ARG B 285 9.96 1.01 -5.76
CA ARG B 285 9.63 0.47 -4.46
C ARG B 285 8.13 0.35 -4.47
N HIS B 286 7.60 -0.60 -3.72
CA HIS B 286 6.17 -0.80 -3.62
C HIS B 286 5.57 0.45 -2.97
N PRO B 287 4.74 1.19 -3.70
CA PRO B 287 4.25 2.49 -3.30
C PRO B 287 3.22 2.38 -2.19
N ASN B 288 3.30 3.35 -1.30
CA ASN B 288 2.35 3.54 -0.24
C ASN B 288 2.38 5.04 0.08
N THR B 289 2.56 5.86 -0.95
CA THR B 289 2.63 7.32 -0.83
C THR B 289 1.78 7.78 -1.99
N PRO B 290 0.79 8.67 -1.87
CA PRO B 290 0.05 9.20 -3.01
C PRO B 290 0.96 10.05 -3.92
N PRO B 291 0.63 10.26 -5.20
CA PRO B 291 1.44 11.08 -6.10
C PRO B 291 1.45 12.53 -5.69
N GLY B 292 2.54 13.22 -6.01
CA GLY B 292 2.59 14.68 -5.91
C GLY B 292 1.90 15.19 -7.18
N LEU B 293 0.91 16.07 -7.02
CA LEU B 293 0.10 16.59 -8.12
C LEU B 293 0.10 18.11 -8.19
N THR B 294 0.02 18.70 -9.38
CA THR B 294 -0.20 20.12 -9.57
C THR B 294 -0.77 20.28 -10.99
N LEU B 295 -1.04 21.51 -11.42
CA LEU B 295 -1.64 21.80 -12.71
C LEU B 295 -0.71 22.54 -13.65
N LEU B 296 -0.87 22.26 -14.93
CA LEU B 296 -0.28 23.02 -16.00
C LEU B 296 -1.50 23.83 -16.40
N ASN B 297 -1.57 25.06 -15.96
CA ASN B 297 -2.68 25.95 -16.23
C ASN B 297 -2.41 26.85 -17.42
N TYR B 298 -3.21 26.59 -18.45
CA TYR B 298 -3.19 27.31 -19.71
C TYR B 298 -3.99 28.57 -19.43
N LEU B 299 -3.31 29.70 -19.49
CA LEU B 299 -3.93 30.97 -19.21
C LEU B 299 -4.80 31.35 -20.41
N PRO B 300 -6.01 31.94 -20.26
CA PRO B 300 -6.56 32.46 -19.02
C PRO B 300 -7.60 31.56 -18.32
N ASN B 301 -7.49 30.24 -18.44
CA ASN B 301 -8.47 29.35 -17.84
C ASN B 301 -8.31 29.40 -16.36
N SER B 302 -9.45 29.26 -15.67
CA SER B 302 -9.43 29.30 -14.22
C SER B 302 -8.67 28.09 -13.73
N VAL B 303 -7.88 28.35 -12.70
CA VAL B 303 -7.10 27.30 -12.11
C VAL B 303 -7.99 26.31 -11.35
N SER B 304 -9.23 26.69 -11.06
CA SER B 304 -10.17 25.80 -10.41
C SER B 304 -10.83 24.83 -11.38
N LYS B 305 -10.56 24.99 -12.68
CA LYS B 305 -11.18 24.17 -13.70
C LYS B 305 -10.34 22.90 -13.78
N LEU B 306 -10.86 21.80 -13.24
CA LEU B 306 -10.15 20.54 -13.29
C LEU B 306 -10.11 20.08 -14.73
N PRO B 307 -9.01 19.40 -15.09
CA PRO B 307 -8.87 18.58 -16.29
C PRO B 307 -10.00 17.60 -16.46
N THR B 308 -10.21 17.19 -17.69
CA THR B 308 -11.24 16.22 -18.01
C THR B 308 -10.85 14.77 -17.69
N SER B 309 -9.53 14.51 -17.69
CA SER B 309 -8.99 13.21 -17.43
C SER B 309 -8.52 13.18 -15.99
N PRO B 310 -8.50 12.00 -15.33
CA PRO B 310 -7.71 11.75 -14.14
C PRO B 310 -6.24 12.10 -14.35
N PRO B 311 -5.42 12.32 -13.31
CA PRO B 311 -3.95 12.28 -13.42
C PRO B 311 -3.42 11.06 -14.19
N PRO B 312 -2.28 11.12 -14.89
CA PRO B 312 -1.68 9.94 -15.49
C PRO B 312 -1.26 8.94 -14.43
N GLN B 313 -1.59 7.69 -14.68
CA GLN B 313 -1.32 6.62 -13.76
C GLN B 313 0.15 6.34 -13.89
N THR B 314 0.85 6.38 -12.77
CA THR B 314 2.26 6.08 -12.71
C THR B 314 2.47 4.67 -13.28
N PRO B 315 3.50 4.43 -14.11
CA PRO B 315 3.89 3.09 -14.57
C PRO B 315 4.13 2.19 -13.37
N ALA B 316 3.92 0.88 -13.46
CA ALA B 316 4.16 -0.05 -12.37
C ALA B 316 5.53 0.08 -11.76
N TRP B 317 5.61 0.20 -10.44
CA TRP B 317 6.87 0.37 -9.75
C TRP B 317 7.98 -0.60 -10.08
N ASP B 318 7.61 -1.86 -10.32
CA ASP B 318 8.58 -2.91 -10.56
C ASP B 318 8.77 -3.29 -12.01
N ASP B 319 8.36 -2.46 -12.97
CA ASP B 319 8.62 -2.78 -14.36
C ASP B 319 10.00 -2.19 -14.71
N PHE B 320 11.04 -2.87 -14.24
CA PHE B 320 12.42 -2.42 -14.44
C PHE B 320 12.85 -2.43 -15.90
N ASP B 321 12.19 -3.21 -16.75
CA ASP B 321 12.44 -3.15 -18.18
C ASP B 321 12.08 -1.80 -18.75
N ARG B 322 10.97 -1.23 -18.29
CA ARG B 322 10.53 0.06 -18.75
C ARG B 322 11.52 1.11 -18.26
N SER B 323 11.93 0.99 -17.00
CA SER B 323 12.92 1.89 -16.43
C SER B 323 14.21 1.85 -17.23
N LYS B 324 14.73 0.66 -17.53
CA LYS B 324 15.97 0.53 -18.30
C LYS B 324 15.85 1.10 -19.70
N ASN B 325 14.68 0.86 -20.32
CA ASN B 325 14.34 1.40 -21.63
C ASN B 325 14.54 2.91 -21.65
N PHE B 326 14.07 3.63 -20.62
CA PHE B 326 14.31 5.05 -20.53
C PHE B 326 15.79 5.33 -20.25
N THR B 327 16.36 4.74 -19.22
CA THR B 327 17.72 5.04 -18.79
C THR B 327 18.82 4.79 -19.81
N TYR B 328 18.69 3.71 -20.55
CA TYR B 328 19.72 3.31 -21.47
C TYR B 328 19.72 4.20 -22.71
N ARG B 329 18.72 5.08 -22.91
CA ARG B 329 18.71 5.97 -24.06
C ARG B 329 19.62 7.19 -23.96
N ILE B 330 19.88 7.66 -22.74
CA ILE B 330 20.58 8.92 -22.54
C ILE B 330 22.01 8.78 -23.08
N THR B 331 22.37 9.66 -24.01
CA THR B 331 23.66 9.67 -24.69
C THR B 331 24.10 11.12 -24.74
N ALA B 332 25.39 11.38 -24.89
CA ALA B 332 25.85 12.76 -24.83
C ALA B 332 25.46 13.50 -26.10
N ALA B 333 25.26 14.81 -26.04
CA ALA B 333 24.90 15.62 -27.20
C ALA B 333 26.09 15.65 -28.14
N MET B 334 25.91 15.70 -29.47
CA MET B 334 27.10 15.72 -30.30
C MET B 334 27.82 17.02 -30.04
N GLY B 335 29.13 16.87 -29.90
CA GLY B 335 30.00 17.96 -29.58
C GLY B 335 30.60 17.75 -28.21
N SER B 336 29.99 16.91 -27.37
CA SER B 336 30.54 16.61 -26.07
C SER B 336 31.91 15.91 -26.07
N PRO B 337 32.70 16.06 -25.00
CA PRO B 337 33.85 15.23 -24.70
C PRO B 337 33.60 13.74 -24.65
N LYS B 338 34.46 13.05 -25.38
CA LYS B 338 34.46 11.59 -25.44
C LYS B 338 35.42 11.13 -24.34
N PRO B 339 35.24 9.97 -23.70
CA PRO B 339 36.15 9.41 -22.71
C PRO B 339 37.53 9.16 -23.30
N PRO B 340 38.56 9.20 -22.46
CA PRO B 340 39.80 8.46 -22.64
C PRO B 340 39.48 7.04 -23.04
N VAL B 341 40.12 6.57 -24.10
CA VAL B 341 39.86 5.24 -24.65
C VAL B 341 40.47 4.16 -23.76
N LYS B 342 41.54 4.48 -23.07
CA LYS B 342 42.20 3.52 -22.21
C LYS B 342 42.08 4.04 -20.78
N PHE B 343 41.93 3.15 -19.82
CA PHE B 343 41.91 3.53 -18.42
C PHE B 343 43.24 3.10 -17.82
N ASN B 344 43.54 3.72 -16.69
CA ASN B 344 44.75 3.41 -15.94
C ASN B 344 44.39 2.65 -14.66
N ARG B 345 43.14 2.65 -14.19
CA ARG B 345 42.74 2.01 -12.95
C ARG B 345 41.30 1.54 -13.12
N ARG B 346 40.92 0.33 -12.67
CA ARG B 346 39.55 -0.15 -12.70
C ARG B 346 39.31 -0.76 -11.32
N ILE B 347 38.25 -0.37 -10.63
CA ILE B 347 37.95 -0.82 -9.28
C ILE B 347 36.58 -1.47 -9.39
N PHE B 348 36.32 -2.53 -8.63
CA PHE B 348 35.05 -3.25 -8.63
C PHE B 348 34.41 -3.04 -7.26
N LEU B 349 33.18 -2.52 -7.16
CA LEU B 349 32.57 -2.27 -5.87
C LEU B 349 31.28 -3.03 -5.66
N LEU B 350 31.35 -4.06 -4.82
CA LEU B 350 30.20 -4.87 -4.45
C LEU B 350 29.37 -4.18 -3.35
N ASN B 351 28.10 -4.02 -3.63
CA ASN B 351 27.13 -3.36 -2.79
C ASN B 351 26.34 -4.37 -2.00
N THR B 352 26.50 -4.52 -0.68
CA THR B 352 25.70 -5.49 0.07
C THR B 352 24.93 -4.88 1.27
N GLN B 353 23.82 -5.50 1.70
CA GLN B 353 23.14 -5.09 2.94
C GLN B 353 23.52 -6.18 3.95
N ASN B 354 24.09 -5.83 5.10
CA ASN B 354 24.66 -6.81 6.00
C ASN B 354 24.22 -6.61 7.43
N VAL B 355 24.57 -7.51 8.32
CA VAL B 355 24.26 -7.37 9.74
C VAL B 355 25.63 -7.39 10.41
N ILE B 356 26.13 -6.27 10.92
CA ILE B 356 27.42 -6.21 11.58
C ILE B 356 27.11 -5.97 13.06
N ASN B 357 27.43 -6.97 13.89
CA ASN B 357 27.24 -6.96 15.34
C ASN B 357 25.78 -6.67 15.67
N GLY B 358 24.88 -7.41 15.04
CA GLY B 358 23.45 -7.18 15.23
C GLY B 358 22.92 -5.92 14.55
N TYR B 359 23.75 -5.05 13.99
CA TYR B 359 23.27 -3.87 13.30
C TYR B 359 23.14 -4.07 11.81
N VAL B 360 22.03 -3.67 11.23
CA VAL B 360 21.84 -3.76 9.81
C VAL B 360 22.59 -2.57 9.19
N LYS B 361 23.66 -2.93 8.48
CA LYS B 361 24.53 -1.97 7.82
C LYS B 361 24.53 -2.16 6.32
N TRP B 362 25.13 -1.25 5.58
CA TRP B 362 25.32 -1.38 4.16
C TRP B 362 26.84 -1.36 4.06
N ALA B 363 27.40 -2.09 3.10
CA ALA B 363 28.84 -2.19 2.94
C ALA B 363 29.21 -2.24 1.47
N ILE B 364 30.44 -1.81 1.18
CA ILE B 364 30.98 -1.80 -0.16
C ILE B 364 32.26 -2.61 -0.04
N ASN B 365 32.29 -3.79 -0.69
CA ASN B 365 33.38 -4.76 -0.60
C ASN B 365 33.69 -5.06 0.86
N ASP B 366 32.60 -5.32 1.58
CA ASP B 366 32.53 -5.64 3.02
C ASP B 366 33.00 -4.59 4.03
N VAL B 367 33.26 -3.37 3.59
CA VAL B 367 33.53 -2.32 4.55
C VAL B 367 32.33 -1.34 4.53
N SER B 368 31.77 -1.10 5.71
CA SER B 368 30.69 -0.15 5.94
C SER B 368 31.37 1.12 6.40
N LEU B 369 31.23 2.23 5.68
CA LEU B 369 31.92 3.47 6.06
C LEU B 369 31.42 4.09 7.36
N ALA B 370 32.30 4.43 8.29
CA ALA B 370 31.94 5.18 9.48
C ALA B 370 32.93 6.33 9.37
N LEU B 371 32.51 7.59 9.24
CA LEU B 371 33.46 8.68 9.05
C LEU B 371 34.18 9.06 10.34
N PRO B 372 35.49 9.38 10.34
CA PRO B 372 36.24 9.84 11.51
C PRO B 372 35.84 11.25 11.97
N PRO B 373 36.13 11.67 13.20
CA PRO B 373 35.97 13.06 13.63
C PRO B 373 36.97 14.08 13.08
N THR B 374 38.07 13.67 12.44
CA THR B 374 39.00 14.58 11.78
C THR B 374 38.63 14.66 10.30
N PRO B 375 38.47 15.81 9.67
CA PRO B 375 38.25 15.90 8.25
C PRO B 375 39.41 15.32 7.46
N TYR B 376 39.11 14.37 6.57
CA TYR B 376 40.08 13.76 5.69
C TYR B 376 40.95 14.77 4.96
N LEU B 377 40.42 15.87 4.41
CA LEU B 377 41.23 16.86 3.70
C LEU B 377 42.26 17.48 4.63
N GLY B 378 41.92 17.94 5.84
CA GLY B 378 42.91 18.44 6.79
C GLY B 378 43.91 17.37 7.21
N ALA B 379 43.44 16.15 7.49
CA ALA B 379 44.29 15.07 7.97
C ALA B 379 45.36 14.68 6.94
N MET B 380 44.94 14.63 5.69
CA MET B 380 45.82 14.31 4.62
C MET B 380 46.75 15.44 4.23
N LYS B 381 46.34 16.71 4.34
CA LYS B 381 47.24 17.81 4.05
C LYS B 381 48.33 17.84 5.11
N TYR B 382 47.93 17.68 6.36
CA TYR B 382 48.89 17.74 7.44
C TYR B 382 49.57 16.42 7.76
N ASN B 383 49.33 15.40 6.93
CA ASN B 383 49.95 14.08 7.00
C ASN B 383 49.83 13.44 8.38
N LEU B 384 48.63 13.51 8.94
CA LEU B 384 48.35 12.94 10.24
C LEU B 384 47.97 11.50 9.97
N LEU B 385 48.97 10.65 10.14
CA LEU B 385 48.86 9.24 9.82
C LEU B 385 48.06 8.43 10.81
N HIS B 386 47.73 8.99 11.97
CA HIS B 386 46.94 8.20 12.90
C HIS B 386 45.49 8.59 12.81
N ALA B 387 45.06 9.47 11.89
CA ALA B 387 43.69 9.93 11.89
C ALA B 387 42.70 8.99 11.24
N PHE B 388 43.15 8.06 10.40
CA PHE B 388 42.27 7.12 9.76
C PHE B 388 43.10 5.93 9.35
N ASP B 389 42.51 4.94 8.67
CA ASP B 389 43.20 3.71 8.36
C ASP B 389 43.98 4.04 7.10
N GLN B 390 45.28 3.81 7.11
CA GLN B 390 46.15 4.07 5.98
C GLN B 390 46.26 2.85 5.05
N ASN B 391 45.63 1.73 5.41
CA ASN B 391 45.61 0.57 4.55
C ASN B 391 44.69 0.86 3.40
N PRO B 392 45.08 0.61 2.14
CA PRO B 392 44.20 0.73 0.98
C PRO B 392 42.92 -0.08 1.20
N PRO B 393 41.74 0.46 0.90
CA PRO B 393 40.51 -0.32 0.95
C PRO B 393 40.39 -1.34 -0.20
N PRO B 394 39.63 -2.43 -0.02
CA PRO B 394 39.46 -3.49 -1.00
C PRO B 394 39.05 -2.99 -2.39
N GLU B 395 39.83 -3.28 -3.43
CA GLU B 395 39.48 -2.84 -4.78
C GLU B 395 38.77 -3.84 -5.69
N VAL B 396 38.60 -5.08 -5.22
CA VAL B 396 37.86 -6.11 -5.94
C VAL B 396 37.13 -6.93 -4.88
N PHE B 397 36.15 -7.74 -5.29
CA PHE B 397 35.44 -8.64 -4.39
C PHE B 397 35.71 -10.07 -4.86
N PRO B 398 35.33 -11.17 -4.19
CA PRO B 398 35.54 -12.52 -4.71
C PRO B 398 34.63 -12.82 -5.90
N GLU B 399 35.24 -13.24 -7.01
CA GLU B 399 34.51 -13.68 -8.19
C GLU B 399 33.62 -14.89 -7.91
N ASP B 400 33.85 -15.58 -6.78
CA ASP B 400 33.00 -16.68 -6.37
C ASP B 400 31.80 -16.17 -5.55
N TYR B 401 31.55 -14.86 -5.46
CA TYR B 401 30.42 -14.37 -4.68
C TYR B 401 29.14 -14.58 -5.48
N ASP B 402 28.16 -15.15 -4.79
CA ASP B 402 26.86 -15.35 -5.40
C ASP B 402 26.00 -14.15 -5.06
N ILE B 403 25.81 -13.33 -6.10
CA ILE B 403 25.02 -12.13 -5.95
C ILE B 403 23.52 -12.45 -5.88
N ASP B 404 23.11 -13.72 -5.89
CA ASP B 404 21.68 -14.05 -5.80
C ASP B 404 21.29 -14.55 -4.41
N THR B 405 22.26 -14.59 -3.49
CA THR B 405 22.02 -15.12 -2.17
C THR B 405 22.20 -14.00 -1.15
N PRO B 406 21.49 -13.92 -0.03
CA PRO B 406 21.86 -13.07 1.10
C PRO B 406 23.34 -13.22 1.49
N PRO B 407 24.00 -12.16 1.90
CA PRO B 407 25.31 -12.22 2.50
C PRO B 407 25.39 -13.15 3.72
N THR B 408 26.58 -13.72 3.88
CA THR B 408 26.93 -14.53 5.04
C THR B 408 27.29 -13.63 6.21
N ASN B 409 27.93 -12.48 5.92
CA ASN B 409 28.38 -11.47 6.89
C ASN B 409 29.64 -11.86 7.66
N GLU B 410 30.23 -12.99 7.29
CA GLU B 410 31.43 -13.52 7.89
C GLU B 410 32.56 -12.53 8.17
N LYS B 411 32.96 -11.76 7.17
CA LYS B 411 34.08 -10.84 7.27
C LYS B 411 33.71 -9.35 7.17
N THR B 412 32.42 -9.03 7.21
CA THR B 412 31.98 -7.67 6.98
C THR B 412 32.38 -6.80 8.17
N ARG B 413 33.07 -5.69 7.92
CA ARG B 413 33.51 -4.81 8.99
C ARG B 413 33.16 -3.35 8.74
N ILE B 414 33.43 -2.53 9.73
CA ILE B 414 33.27 -1.09 9.61
C ILE B 414 34.69 -0.56 9.40
N GLY B 415 34.88 0.48 8.60
CA GLY B 415 36.21 1.00 8.34
C GLY B 415 36.12 2.40 7.81
N ASN B 416 37.31 2.99 7.65
CA ASN B 416 37.40 4.37 7.18
C ASN B 416 38.64 4.69 6.34
N GLY B 417 39.13 3.70 5.57
CA GLY B 417 40.28 3.90 4.70
C GLY B 417 39.86 4.68 3.46
N VAL B 418 40.81 5.13 2.65
CA VAL B 418 40.54 5.93 1.46
C VAL B 418 41.22 5.37 0.19
N TYR B 419 40.52 5.43 -0.96
CA TYR B 419 41.08 5.01 -2.24
C TYR B 419 41.79 6.25 -2.74
N GLN B 420 43.06 6.13 -3.05
CA GLN B 420 43.80 7.31 -3.43
C GLN B 420 44.22 7.13 -4.87
N PHE B 421 44.09 8.22 -5.63
CA PHE B 421 44.42 8.25 -7.04
C PHE B 421 45.55 9.22 -7.29
N LYS B 422 46.20 9.05 -8.44
CA LYS B 422 47.32 9.89 -8.83
C LYS B 422 46.70 10.90 -9.77
N ILE B 423 47.09 12.13 -9.55
CA ILE B 423 46.59 13.25 -10.30
C ILE B 423 46.72 13.11 -11.84
N GLY B 424 45.64 12.62 -12.45
CA GLY B 424 45.57 12.42 -13.89
C GLY B 424 45.21 10.98 -14.29
N GLU B 425 45.10 10.03 -13.37
CA GLU B 425 44.67 8.69 -13.69
C GLU B 425 43.26 8.65 -14.29
N VAL B 426 43.05 7.85 -15.32
CA VAL B 426 41.72 7.63 -15.85
C VAL B 426 41.21 6.45 -15.04
N VAL B 427 40.20 6.66 -14.20
CA VAL B 427 39.70 5.61 -13.30
C VAL B 427 38.37 5.03 -13.82
N ASP B 428 38.24 3.70 -13.80
CA ASP B 428 37.05 2.99 -14.21
C ASP B 428 36.43 2.38 -12.95
N VAL B 429 35.12 2.47 -12.73
CA VAL B 429 34.50 1.91 -11.54
C VAL B 429 33.35 1.04 -12.05
N ILE B 430 33.25 -0.23 -11.63
CA ILE B 430 32.11 -1.06 -11.97
C ILE B 430 31.42 -1.24 -10.63
N LEU B 431 30.19 -0.77 -10.56
CA LEU B 431 29.39 -0.84 -9.36
C LEU B 431 28.54 -2.08 -9.55
N GLN B 432 28.65 -3.02 -8.61
CA GLN B 432 27.93 -4.27 -8.66
C GLN B 432 26.85 -4.35 -7.59
N ASN B 433 25.62 -4.59 -8.03
CA ASN B 433 24.52 -4.79 -7.11
C ASN B 433 24.42 -6.27 -6.73
N ALA B 434 23.70 -6.64 -5.67
CA ALA B 434 23.62 -8.01 -5.19
C ALA B 434 22.33 -8.19 -4.40
N ASN B 435 22.09 -9.40 -3.87
CA ASN B 435 20.90 -9.70 -3.08
C ASN B 435 21.14 -9.12 -1.70
N MET B 436 20.07 -8.64 -1.10
CA MET B 436 20.10 -7.99 0.21
C MET B 436 19.95 -9.06 1.29
N MET B 437 19.64 -8.72 2.56
CA MET B 437 19.47 -9.74 3.59
C MET B 437 18.20 -10.54 3.34
N LYS B 438 17.14 -9.89 2.89
CA LYS B 438 15.91 -10.57 2.59
C LYS B 438 16.10 -11.41 1.32
N GLU B 439 15.59 -12.63 1.33
CA GLU B 439 15.67 -13.46 0.14
C GLU B 439 14.97 -12.83 -1.05
N ASN B 440 15.62 -12.89 -2.20
CA ASN B 440 15.09 -12.41 -3.48
C ASN B 440 14.74 -10.93 -3.50
N LEU B 441 15.68 -10.14 -2.97
CA LEU B 441 15.52 -8.72 -2.98
C LEU B 441 16.83 -8.05 -3.36
N SER B 442 16.79 -7.15 -4.32
CA SER B 442 17.90 -6.30 -4.66
C SER B 442 17.15 -5.03 -5.02
N GLU B 443 17.66 -3.86 -4.67
CA GLU B 443 17.00 -2.59 -4.93
C GLU B 443 17.81 -1.73 -5.89
N THR B 444 17.28 -0.61 -6.38
CA THR B 444 18.00 0.30 -7.26
C THR B 444 18.84 1.24 -6.39
N HIS B 445 20.08 1.64 -6.70
CA HIS B 445 20.79 2.58 -5.84
C HIS B 445 21.39 3.66 -6.71
N PRO B 446 21.04 4.92 -6.51
CA PRO B 446 21.66 6.06 -7.19
C PRO B 446 23.00 6.43 -6.59
N TRP B 447 24.13 6.29 -7.28
CA TRP B 447 25.44 6.62 -6.76
C TRP B 447 25.83 8.00 -7.26
N HIS B 448 26.39 8.84 -6.41
CA HIS B 448 26.77 10.20 -6.76
C HIS B 448 28.26 10.46 -6.53
N LEU B 449 28.96 11.08 -7.48
CA LEU B 449 30.38 11.36 -7.31
C LEU B 449 30.52 12.86 -7.09
N HIS B 450 31.24 13.22 -6.04
CA HIS B 450 31.56 14.61 -5.75
C HIS B 450 32.81 15.09 -6.51
N GLY B 451 32.87 16.37 -6.86
CA GLY B 451 34.04 17.00 -7.46
C GLY B 451 34.33 16.58 -8.89
N HIS B 452 33.41 15.88 -9.53
CA HIS B 452 33.66 15.32 -10.86
C HIS B 452 32.34 15.04 -11.56
N ASP B 453 32.44 14.86 -12.86
CA ASP B 453 31.37 14.29 -13.65
C ASP B 453 32.06 13.06 -14.26
N PHE B 454 31.32 12.04 -14.61
CA PHE B 454 31.90 10.87 -15.21
C PHE B 454 31.07 10.56 -16.45
N TRP B 455 31.59 9.67 -17.27
CA TRP B 455 30.90 9.22 -18.46
C TRP B 455 30.26 7.90 -18.06
N VAL B 456 28.98 7.67 -18.37
CA VAL B 456 28.35 6.39 -18.08
C VAL B 456 28.69 5.44 -19.24
N LEU B 457 29.66 4.54 -19.06
CA LEU B 457 30.04 3.60 -20.10
C LEU B 457 28.98 2.54 -20.37
N GLY B 458 28.23 2.07 -19.38
CA GLY B 458 27.19 1.09 -19.68
C GLY B 458 26.57 0.48 -18.45
N TYR B 459 25.59 -0.39 -18.69
CA TYR B 459 24.85 -1.11 -17.67
C TYR B 459 24.63 -2.53 -18.16
N GLY B 460 24.59 -3.49 -17.25
CA GLY B 460 24.34 -4.86 -17.62
C GLY B 460 23.63 -5.59 -16.50
N ASP B 461 23.20 -6.80 -16.85
CA ASP B 461 22.47 -7.61 -15.90
C ASP B 461 23.37 -8.65 -15.31
N GLY B 462 23.12 -9.05 -14.07
CA GLY B 462 23.95 -10.05 -13.45
C GLY B 462 25.32 -9.49 -13.11
N LYS B 463 26.26 -10.41 -13.00
CA LYS B 463 27.61 -10.12 -12.58
C LYS B 463 28.39 -9.64 -13.79
N PHE B 464 29.28 -8.66 -13.65
CA PHE B 464 30.11 -8.19 -14.74
C PHE B 464 31.18 -9.24 -15.06
N SER B 465 31.56 -9.45 -16.33
CA SER B 465 32.68 -10.33 -16.65
C SER B 465 33.51 -9.56 -17.67
N ALA B 466 34.81 -9.84 -17.80
CA ALA B 466 35.66 -9.14 -18.76
C ALA B 466 35.20 -9.25 -20.20
N GLU B 467 34.49 -10.31 -20.55
CA GLU B 467 33.94 -10.45 -21.90
C GLU B 467 32.84 -9.42 -22.20
N GLU B 468 32.52 -8.54 -21.25
CA GLU B 468 31.48 -7.53 -21.42
C GLU B 468 31.99 -6.26 -22.08
N GLU B 469 33.30 -6.14 -22.27
CA GLU B 469 33.92 -4.95 -22.81
C GLU B 469 33.34 -4.39 -24.10
N SER B 470 33.06 -5.19 -25.12
CA SER B 470 32.52 -4.67 -26.36
C SER B 470 31.18 -3.93 -26.28
N SER B 471 30.45 -3.95 -25.16
CA SER B 471 29.19 -3.23 -25.10
C SER B 471 29.33 -1.80 -24.60
N LEU B 472 30.47 -1.53 -23.96
CA LEU B 472 30.75 -0.24 -23.37
C LEU B 472 30.88 0.79 -24.47
N ASN B 473 30.04 1.76 -24.23
CA ASN B 473 29.89 2.89 -25.10
C ASN B 473 31.01 3.90 -24.92
N LEU B 474 32.10 3.73 -25.68
CA LEU B 474 33.19 4.70 -25.69
C LEU B 474 33.03 5.81 -26.72
N LYS B 475 31.90 5.78 -27.42
CA LYS B 475 31.59 6.68 -28.52
C LYS B 475 30.73 7.88 -28.13
N ASN B 476 29.64 7.63 -27.42
CA ASN B 476 28.69 8.66 -27.08
C ASN B 476 28.30 8.69 -25.60
N PRO B 477 29.06 8.25 -24.55
CA PRO B 477 28.53 8.06 -23.19
C PRO B 477 28.16 9.39 -22.53
N PRO B 478 27.00 9.53 -21.89
CA PRO B 478 26.60 10.81 -21.26
C PRO B 478 27.52 11.17 -20.10
N LEU B 479 27.63 12.47 -19.83
CA LEU B 479 28.39 12.99 -18.70
C LEU B 479 27.40 13.26 -17.58
N ARG B 480 27.61 12.63 -16.42
CA ARG B 480 26.67 12.71 -15.31
C ARG B 480 27.39 12.82 -13.97
N ASN B 481 26.67 13.09 -12.89
CA ASN B 481 27.27 13.06 -11.55
C ASN B 481 26.53 12.04 -10.69
N THR B 482 25.36 11.54 -11.11
CA THR B 482 24.59 10.52 -10.40
C THR B 482 24.18 9.46 -11.43
N VAL B 483 24.20 8.18 -11.05
CA VAL B 483 23.89 7.04 -11.92
C VAL B 483 23.27 5.89 -11.11
N VAL B 484 22.26 5.16 -11.58
CA VAL B 484 21.69 4.03 -10.83
C VAL B 484 22.27 2.66 -11.19
N ILE B 485 22.27 1.73 -10.23
CA ILE B 485 22.46 0.33 -10.53
C ILE B 485 21.05 -0.22 -10.37
N PHE B 486 20.59 -1.02 -11.32
CA PHE B 486 19.28 -1.65 -11.27
C PHE B 486 19.41 -2.94 -10.46
N PRO B 487 18.35 -3.59 -9.95
CA PRO B 487 18.41 -4.84 -9.19
C PRO B 487 19.18 -5.92 -9.91
N TYR B 488 20.13 -6.51 -9.20
CA TYR B 488 20.97 -7.59 -9.68
C TYR B 488 21.85 -7.19 -10.88
N GLY B 489 22.26 -5.93 -11.02
CA GLY B 489 23.05 -5.53 -12.17
C GLY B 489 24.29 -4.76 -11.79
N TRP B 490 25.03 -4.42 -12.84
CA TRP B 490 26.22 -3.63 -12.71
C TRP B 490 26.04 -2.38 -13.57
N THR B 491 26.86 -1.36 -13.29
CA THR B 491 26.92 -0.14 -14.08
C THR B 491 28.40 0.24 -14.05
N ALA B 492 28.96 0.68 -15.18
CA ALA B 492 30.37 1.04 -15.29
C ALA B 492 30.53 2.51 -15.65
N ILE B 493 31.39 3.22 -14.94
CA ILE B 493 31.57 4.65 -15.16
C ILE B 493 33.06 4.89 -15.29
N ARG B 494 33.41 6.00 -15.93
CA ARG B 494 34.81 6.38 -16.09
C ARG B 494 34.95 7.89 -15.86
N PHE B 495 35.98 8.34 -15.16
CA PHE B 495 36.24 9.77 -14.93
C PHE B 495 37.77 9.93 -14.84
N VAL B 496 38.27 11.16 -14.71
CA VAL B 496 39.71 11.35 -14.60
C VAL B 496 39.97 11.96 -13.26
N ALA B 497 40.99 11.48 -12.56
CA ALA B 497 41.33 11.96 -11.25
C ALA B 497 42.13 13.24 -11.43
N ASP B 498 41.49 14.34 -11.79
CA ASP B 498 42.20 15.59 -12.07
C ASP B 498 41.93 16.79 -11.17
N ASN B 499 41.35 16.61 -10.00
CA ASN B 499 40.90 17.74 -9.22
C ASN B 499 41.29 17.54 -7.76
N PRO B 500 42.37 18.13 -7.25
CA PRO B 500 42.93 17.84 -5.93
C PRO B 500 41.91 17.96 -4.80
N GLY B 501 41.74 16.90 -4.04
CA GLY B 501 40.81 16.92 -2.95
C GLY B 501 40.54 15.52 -2.48
N VAL B 502 39.50 15.45 -1.65
CA VAL B 502 38.97 14.26 -1.02
C VAL B 502 37.48 14.36 -1.36
N TRP B 503 36.95 13.38 -2.08
CA TRP B 503 35.63 13.46 -2.65
C TRP B 503 34.85 12.26 -2.15
N ALA B 504 33.61 12.47 -1.80
CA ALA B 504 32.75 11.38 -1.38
C ALA B 504 32.10 10.79 -2.62
N PHE B 505 31.93 9.48 -2.58
CA PHE B 505 31.31 8.76 -3.66
C PHE B 505 30.39 7.83 -2.88
N HIS B 506 29.07 8.04 -2.89
CA HIS B 506 28.18 7.28 -2.03
C HIS B 506 26.83 7.07 -2.73
N CYS B 507 26.00 6.22 -2.16
CA CYS B 507 24.65 6.04 -2.61
C CYS B 507 23.92 7.30 -2.12
N HIS B 508 23.26 8.05 -2.99
CA HIS B 508 22.54 9.25 -2.64
C HIS B 508 21.28 9.01 -1.79
N ILE B 509 20.86 7.80 -1.43
CA ILE B 509 19.71 7.63 -0.57
C ILE B 509 20.28 7.84 0.85
N GLU B 510 19.76 8.90 1.46
CA GLU B 510 20.12 9.36 2.77
C GLU B 510 20.16 8.27 3.85
N PRO B 511 19.16 7.40 4.14
CA PRO B 511 19.33 6.29 5.09
C PRO B 511 20.48 5.34 4.79
N HIS B 512 20.69 4.96 3.52
CA HIS B 512 21.77 4.07 3.13
C HIS B 512 23.11 4.71 3.42
N LEU B 513 23.30 6.00 3.12
CA LEU B 513 24.50 6.73 3.46
C LEU B 513 24.67 6.72 4.98
N HIS B 514 23.60 6.92 5.75
CA HIS B 514 23.69 6.87 7.20
C HIS B 514 24.17 5.50 7.66
N MET B 515 23.83 4.42 6.95
CA MET B 515 24.20 3.07 7.30
C MET B 515 25.51 2.59 6.66
N GLY B 516 26.36 3.48 6.14
CA GLY B 516 27.68 3.10 5.65
C GLY B 516 27.83 2.93 4.13
N MET B 517 26.78 3.07 3.31
CA MET B 517 26.91 2.86 1.88
C MET B 517 27.55 4.00 1.10
N GLY B 518 28.88 4.05 1.12
CA GLY B 518 29.63 5.02 0.35
C GLY B 518 31.12 4.79 0.55
N VAL B 519 31.96 5.43 -0.26
CA VAL B 519 33.40 5.32 -0.18
C VAL B 519 33.98 6.73 -0.24
N VAL B 520 35.28 6.88 -0.04
CA VAL B 520 35.96 8.15 -0.10
C VAL B 520 37.15 8.06 -1.09
N PHE B 521 37.25 9.02 -1.99
CA PHE B 521 38.31 9.08 -2.98
C PHE B 521 39.22 10.25 -2.68
N ALA B 522 40.54 10.17 -2.67
CA ALA B 522 41.38 11.35 -2.48
C ALA B 522 42.37 11.35 -3.64
N GLU B 523 42.68 12.48 -4.27
CA GLU B 523 43.63 12.57 -5.39
C GLU B 523 44.33 13.92 -5.30
N GLY B 524 45.62 13.98 -5.65
CA GLY B 524 46.42 15.20 -5.66
C GLY B 524 46.37 16.05 -4.40
N VAL B 525 46.14 15.49 -3.21
CA VAL B 525 46.02 16.26 -1.98
C VAL B 525 47.21 17.18 -1.70
N GLU B 526 48.45 16.83 -2.08
CA GLU B 526 49.60 17.71 -1.88
C GLU B 526 49.60 18.95 -2.81
N LYS B 527 48.57 19.12 -3.60
CA LYS B 527 48.39 20.25 -4.47
C LYS B 527 47.30 21.17 -3.95
N VAL B 528 46.69 20.84 -2.80
CA VAL B 528 45.62 21.63 -2.20
C VAL B 528 46.28 22.87 -1.58
N GLY B 529 45.69 24.05 -1.75
CA GLY B 529 46.24 25.24 -1.12
C GLY B 529 45.94 25.29 0.36
N ARG B 530 45.75 26.50 0.84
CA ARG B 530 45.39 26.75 2.23
C ARG B 530 43.91 26.46 2.53
N ILE B 531 43.64 25.65 3.53
CA ILE B 531 42.28 25.35 3.95
C ILE B 531 41.88 26.44 4.96
N PRO B 532 40.68 27.04 4.94
CA PRO B 532 40.06 27.79 6.03
C PRO B 532 40.28 27.18 7.40
N THR B 533 40.53 28.04 8.37
CA THR B 533 40.83 27.53 9.69
C THR B 533 39.63 26.85 10.32
N LYS B 534 38.41 27.31 10.05
CA LYS B 534 37.23 26.69 10.64
C LYS B 534 36.97 25.29 10.17
N ALA B 535 37.47 25.00 8.98
CA ALA B 535 37.35 23.69 8.38
C ALA B 535 38.33 22.65 8.93
N LEU B 536 39.36 23.15 9.61
CA LEU B 536 40.45 22.39 10.25
C LEU B 536 40.26 22.22 11.76
N ALA B 537 39.51 23.15 12.36
CA ALA B 537 39.31 23.29 13.79
C ALA B 537 38.64 22.18 14.59
N CYS B 538 38.87 20.90 14.38
CA CYS B 538 38.26 19.85 15.15
C CYS B 538 39.21 18.68 15.06
N GLY B 539 39.00 17.68 15.91
CA GLY B 539 39.71 16.41 15.88
C GLY B 539 41.23 16.57 15.91
N GLY B 540 41.86 15.63 15.18
CA GLY B 540 43.29 15.55 15.01
C GLY B 540 43.89 16.84 14.47
N THR B 541 43.24 17.55 13.53
CA THR B 541 43.80 18.77 12.99
C THR B 541 43.89 19.92 14.00
N ALA B 542 42.90 20.05 14.89
CA ALA B 542 42.93 21.03 15.96
C ALA B 542 44.06 20.67 16.93
N LYS B 543 44.03 19.45 17.45
CA LYS B 543 45.03 18.96 18.40
C LYS B 543 46.45 19.18 17.91
N SER B 544 46.71 18.96 16.63
CA SER B 544 48.03 19.14 16.09
C SER B 544 48.36 20.54 15.58
N LEU B 545 47.42 21.45 15.44
CA LEU B 545 47.77 22.79 15.00
C LEU B 545 47.72 23.82 16.11
N ILE B 546 46.97 23.52 17.18
CA ILE B 546 46.93 24.40 18.32
C ILE B 546 48.17 24.10 19.13
N ASN B 547 49.05 25.10 19.12
CA ASN B 547 50.25 25.07 19.92
C ASN B 547 49.82 25.35 21.35
N ASN B 548 49.86 24.33 22.19
CA ASN B 548 49.44 24.45 23.56
C ASN B 548 50.29 23.48 24.38
N PRO B 549 51.58 23.73 24.62
CA PRO B 549 52.44 22.84 25.41
C PRO B 549 52.14 22.89 26.90
N LYS B 550 52.86 22.05 27.65
CA LYS B 550 52.67 21.93 29.09
C LYS B 550 54.01 22.07 29.78
N ASN B 551 54.03 22.84 30.89
CA ASN B 551 55.12 23.16 31.83
C ASN B 551 56.15 24.21 31.35
N PRO B 552 55.89 24.91 30.22
CA PRO B 552 54.93 26.01 30.09
C PRO B 552 53.54 25.94 30.75
C1 NAG C . -38.99 -20.50 22.44
C2 NAG C . -40.48 -20.33 22.59
C3 NAG C . -40.80 -19.99 24.03
C4 NAG C . -40.25 -21.09 24.94
C5 NAG C . -38.77 -21.27 24.71
C6 NAG C . -38.11 -22.37 25.60
C7 NAG C . -41.29 -19.56 20.44
C8 NAG C . -41.72 -18.40 19.57
N2 NAG C . -40.99 -19.30 21.70
O3 NAG C . -42.18 -19.80 24.19
O4 NAG C . -40.58 -20.79 26.25
O5 NAG C . -38.50 -21.50 23.34
O6 NAG C . -38.62 -23.65 25.26
O7 NAG C . -41.20 -20.71 19.98
CU CU D . -20.74 -5.45 -2.84
CU CU E . -27.87 -11.06 5.33
CU CU F . -23.80 -13.74 6.90
CU CU G . -27.53 -15.38 6.12
O OH H . -28.73 -17.22 5.91
CU CU I . 0.42 -2.29 -3.19
C1 NAG J . 35.46 34.21 0.87
C2 NAG J . 36.79 34.48 1.59
C3 NAG J . 36.54 35.63 2.58
C4 NAG J . 36.11 36.87 1.77
C5 NAG J . 34.80 36.53 1.01
C6 NAG J . 34.29 37.70 0.15
C7 NAG J . 37.92 32.33 1.71
C8 NAG J . 38.30 31.11 2.52
N2 NAG J . 37.25 33.31 2.32
O3 NAG J . 37.71 35.91 3.31
O4 NAG J . 35.90 37.96 2.66
O5 NAG J . 35.04 35.39 0.15
O6 NAG J . 35.21 38.03 -0.88
O7 NAG J . 38.21 32.40 0.52
CU CU K . 21.41 2.86 -1.65
CU CU L . 27.32 13.44 -1.12
CU CU M . 23.38 15.52 -3.56
CU CU N . 27.21 16.20 -4.62
O OH O . 28.46 17.02 -6.17
#